data_4LK2
#
_entry.id   4LK2
#
_cell.length_a   87.159
_cell.length_b   86.081
_cell.length_c   127.988
_cell.angle_alpha   90.00
_cell.angle_beta   90.00
_cell.angle_gamma   90.00
#
_symmetry.space_group_name_H-M   'P 21 21 21'
#
loop_
_entity.id
_entity.type
_entity.pdbx_description
1 polymer 'Pre-mRNA-processing ATP-dependent RNA helicase PRP5'
2 non-polymer 'NICKEL (II) ION'
3 water water
#
_entity_poly.entity_id   1
_entity_poly.type   'polypeptide(L)'
_entity_poly.pdbx_seq_one_letter_code
;YSPEELEPFQKNFYIESETVSSMSEMEVEELRLSLDNIKIKGTGCPKPVTKWSQLGLSTDTMVLITEKLHFGSLTPIQSQ
ALPAIMSGRDVIGISKTGSGKTISYLLPLLRQVKAQRPLSKHETGPMGLILAPTRELALQIHEEVTKFTEADTSIRSVCC
TGGSEMKKQITDLKRGTEIVVATPGRFIDILTLNDGKLLSTKRITFVVMDEADRLFDLGFEPQITQIMKTVRPDKQCVLF
SATFPNKLRSFAVRVLHSPISITINSKGMVNENVKQKFRICHSEDEKFDNLVQLIHERSEFFDEVQSENDGQSSDVEEVD
AKAIIFVSSQNICDFISKKLLNAGIVTCAIHAGKPYQERLMNLEKFKREKNSILLCTEVLSRGLNVPEVSLVIIYNAVKT
FAQYVHTTGRTARGSRSGTAITLLLHDELSGAYILSKAMRDEEIKALDPLQAKELQEMSAKFESGMKKGKFRLSKGFGGK
GLENIKSKREEAQ
;
_entity_poly.pdbx_strand_id   A,B
#
loop_
_chem_comp.id
_chem_comp.type
_chem_comp.name
_chem_comp.formula
NI non-polymer 'NICKEL (II) ION' 'Ni 2'
#
# COMPACT_ATOMS: atom_id res chain seq x y z
N GLU A 5 -44.59 -16.59 -32.60
CA GLU A 5 -45.07 -15.20 -32.61
C GLU A 5 -44.58 -14.45 -31.36
N LEU A 6 -43.39 -13.87 -31.47
CA LEU A 6 -42.67 -13.29 -30.33
C LEU A 6 -43.42 -12.16 -29.61
N GLU A 7 -43.19 -12.04 -28.32
CA GLU A 7 -43.82 -11.01 -27.48
C GLU A 7 -42.99 -9.71 -27.56
N PRO A 8 -43.64 -8.59 -27.93
CA PRO A 8 -42.88 -7.34 -28.06
C PRO A 8 -42.46 -6.81 -26.69
N PHE A 9 -41.36 -6.08 -26.66
CA PHE A 9 -40.83 -5.60 -25.40
C PHE A 9 -40.05 -4.31 -25.61
N GLN A 10 -39.84 -3.56 -24.53
CA GLN A 10 -39.13 -2.29 -24.59
C GLN A 10 -37.65 -2.46 -24.29
N LYS A 11 -36.79 -1.83 -25.08
CA LYS A 11 -35.35 -1.89 -24.86
C LYS A 11 -34.73 -0.50 -24.67
N ASN A 12 -35.36 0.53 -25.21
CA ASN A 12 -34.90 1.90 -25.01
C ASN A 12 -35.49 2.56 -23.77
N PHE A 13 -34.69 2.71 -22.71
CA PHE A 13 -35.17 3.36 -21.50
C PHE A 13 -34.46 4.68 -21.24
N TYR A 14 -33.78 5.19 -22.26
CA TYR A 14 -32.89 6.33 -22.04
C TYR A 14 -33.59 7.63 -22.39
N ILE A 15 -33.59 8.57 -21.45
CA ILE A 15 -34.07 9.92 -21.71
C ILE A 15 -32.90 10.89 -21.63
N GLU A 16 -32.47 11.40 -22.77
CA GLU A 16 -31.30 12.26 -22.78
C GLU A 16 -31.58 13.55 -21.97
N SER A 17 -30.74 13.83 -20.98
CA SER A 17 -30.91 15.04 -20.18
C SER A 17 -30.72 16.29 -21.04
N GLU A 18 -31.39 17.37 -20.65
CA GLU A 18 -31.41 18.59 -21.44
C GLU A 18 -30.01 19.15 -21.66
N THR A 19 -29.25 19.21 -20.58
CA THR A 19 -27.88 19.69 -20.63
C THR A 19 -27.00 18.91 -21.60
N VAL A 20 -27.25 17.61 -21.69
CA VAL A 20 -26.51 16.77 -22.65
C VAL A 20 -27.02 17.01 -24.07
N SER A 21 -28.34 17.04 -24.22
CA SER A 21 -28.93 17.20 -25.54
C SER A 21 -28.63 18.60 -26.12
N SER A 22 -28.26 19.54 -25.26
CA SER A 22 -27.88 20.87 -25.76
C SER A 22 -26.51 20.86 -26.42
N MET A 23 -25.67 19.88 -26.09
CA MET A 23 -24.31 19.82 -26.62
C MET A 23 -24.27 19.79 -28.15
N SER A 24 -23.36 20.57 -28.72
CA SER A 24 -23.12 20.50 -30.15
C SER A 24 -22.21 19.33 -30.49
N GLU A 25 -22.09 19.06 -31.77
CA GLU A 25 -21.32 17.96 -32.27
C GLU A 25 -19.85 18.17 -31.98
N MET A 26 -19.38 19.40 -32.17
CA MET A 26 -17.99 19.72 -31.88
C MET A 26 -17.71 19.50 -30.40
N GLU A 27 -18.69 19.86 -29.58
CA GLU A 27 -18.62 19.67 -28.14
C GLU A 27 -18.49 18.17 -27.82
N VAL A 28 -19.26 17.37 -28.54
CA VAL A 28 -19.28 15.92 -28.29
C VAL A 28 -17.95 15.27 -28.72
N GLU A 29 -17.43 15.66 -29.88
CA GLU A 29 -16.12 15.21 -30.32
CA GLU A 29 -16.12 15.19 -30.33
C GLU A 29 -15.08 15.50 -29.24
N GLU A 30 -15.08 16.74 -28.79
CA GLU A 30 -14.12 17.23 -27.80
C GLU A 30 -14.25 16.44 -26.50
N LEU A 31 -15.48 16.26 -26.01
CA LEU A 31 -15.68 15.43 -24.82
C LEU A 31 -15.09 14.01 -24.98
N ARG A 32 -15.25 13.40 -26.15
CA ARG A 32 -14.72 12.05 -26.39
C ARG A 32 -13.20 12.04 -26.37
N LEU A 33 -12.59 13.03 -27.01
CA LEU A 33 -11.14 13.13 -27.00
C LEU A 33 -10.63 13.29 -25.56
N SER A 34 -11.31 14.11 -24.77
CA SER A 34 -10.89 14.35 -23.39
C SER A 34 -11.11 13.13 -22.49
N LEU A 35 -11.99 12.22 -22.89
CA LEU A 35 -12.31 11.06 -22.07
C LEU A 35 -11.46 9.87 -22.46
N ASP A 36 -10.16 10.09 -22.57
CA ASP A 36 -9.22 9.02 -22.92
C ASP A 36 -9.39 8.59 -24.36
N ASN A 37 -9.78 9.53 -25.21
CA ASN A 37 -9.84 9.28 -26.63
C ASN A 37 -10.81 8.14 -26.96
N ILE A 38 -12.05 8.31 -26.54
CA ILE A 38 -13.12 7.38 -26.90
C ILE A 38 -13.32 7.41 -28.41
N LYS A 39 -13.27 6.23 -29.04
CA LYS A 39 -13.58 6.10 -30.45
C LYS A 39 -14.85 5.29 -30.66
N ILE A 40 -15.76 5.78 -31.50
CA ILE A 40 -16.99 5.06 -31.78
C ILE A 40 -17.09 4.67 -33.25
N LYS A 41 -17.81 3.59 -33.51
CA LYS A 41 -18.16 3.19 -34.86
C LYS A 41 -19.63 2.84 -34.82
N GLY A 42 -20.31 2.96 -35.94
CA GLY A 42 -21.75 2.70 -35.99
C GLY A 42 -22.55 3.99 -36.07
N THR A 43 -23.82 3.86 -36.47
CA THR A 43 -24.70 4.99 -36.68
C THR A 43 -25.54 5.28 -35.45
N GLY A 44 -25.82 6.56 -35.20
CA GLY A 44 -26.80 6.94 -34.18
C GLY A 44 -26.36 6.84 -32.72
N CYS A 45 -25.06 6.86 -32.46
CA CYS A 45 -24.59 6.78 -31.09
C CYS A 45 -25.00 8.01 -30.28
N PRO A 46 -25.68 7.80 -29.15
CA PRO A 46 -25.99 8.89 -28.22
C PRO A 46 -24.74 9.50 -27.65
N LYS A 47 -24.84 10.75 -27.24
CA LYS A 47 -23.71 11.48 -26.68
C LYS A 47 -23.33 10.93 -25.31
N PRO A 48 -22.03 10.97 -24.98
CA PRO A 48 -21.58 10.52 -23.66
C PRO A 48 -22.17 11.39 -22.57
N VAL A 49 -22.44 10.82 -21.41
CA VAL A 49 -22.81 11.60 -20.23
C VAL A 49 -21.57 11.81 -19.35
N THR A 50 -21.60 12.81 -18.48
CA THR A 50 -20.48 13.02 -17.58
C THR A 50 -20.85 12.98 -16.11
N LYS A 51 -22.13 12.74 -15.80
CA LYS A 51 -22.60 12.72 -14.43
C LYS A 51 -23.69 11.66 -14.21
N TRP A 52 -23.61 10.96 -13.07
CA TRP A 52 -24.59 9.95 -12.72
C TRP A 52 -26.03 10.47 -12.76
N SER A 53 -26.19 11.78 -12.58
CA SER A 53 -27.53 12.37 -12.50
C SER A 53 -28.17 12.63 -13.87
N GLN A 54 -27.35 12.60 -14.92
CA GLN A 54 -27.82 12.76 -16.29
C GLN A 54 -28.45 11.49 -16.85
N LEU A 55 -28.61 10.49 -15.99
CA LEU A 55 -29.09 9.19 -16.45
C LEU A 55 -30.50 8.90 -15.94
N GLY A 56 -31.02 9.79 -15.09
CA GLY A 56 -32.37 9.62 -14.59
C GLY A 56 -32.59 8.34 -13.80
N LEU A 57 -31.77 8.14 -12.76
CA LEU A 57 -31.90 7.01 -11.85
C LEU A 57 -32.53 7.49 -10.54
N SER A 58 -33.40 6.67 -9.96
CA SER A 58 -34.04 7.01 -8.70
C SER A 58 -33.00 7.36 -7.62
N THR A 59 -33.44 8.01 -6.55
CA THR A 59 -32.56 8.42 -5.47
C THR A 59 -31.96 7.22 -4.75
N ASP A 60 -32.81 6.24 -4.46
CA ASP A 60 -32.34 4.96 -3.93
C ASP A 60 -31.07 4.52 -4.69
N THR A 61 -31.24 4.30 -6.00
CA THR A 61 -30.17 3.82 -6.87
C THR A 61 -28.94 4.71 -6.77
N MET A 62 -29.17 6.03 -6.82
CA MET A 62 -28.12 7.02 -6.67
C MET A 62 -27.32 6.81 -5.38
N VAL A 63 -28.03 6.80 -4.26
CA VAL A 63 -27.40 6.55 -2.97
C VAL A 63 -26.58 5.27 -3.05
N LEU A 64 -27.26 4.21 -3.49
CA LEU A 64 -26.67 2.90 -3.61
C LEU A 64 -25.39 2.94 -4.42
N ILE A 65 -25.43 3.57 -5.57
CA ILE A 65 -24.27 3.55 -6.46
C ILE A 65 -23.04 4.18 -5.82
N THR A 66 -23.32 5.10 -4.92
CA THR A 66 -22.32 6.04 -4.48
C THR A 66 -22.16 6.00 -2.98
N LYS A 68 -21.41 4.78 -1.91
CA LYS A 68 -21.60 3.31 -2.06
C LYS A 68 -20.90 2.40 -3.13
N LEU A 69 -21.54 2.19 -4.28
CA LEU A 69 -21.05 1.17 -5.23
C LEU A 69 -19.84 1.57 -6.07
N HIS A 70 -19.86 2.81 -6.56
CA HIS A 70 -18.79 3.33 -7.40
C HIS A 70 -18.36 4.68 -6.86
N PHE A 71 -17.07 4.85 -6.60
CA PHE A 71 -16.60 6.09 -6.02
C PHE A 71 -15.82 6.93 -7.02
N GLY A 72 -16.22 8.19 -7.12
CA GLY A 72 -15.57 9.15 -8.01
C GLY A 72 -16.26 9.29 -9.35
N SER A 73 -15.57 9.94 -10.27
CA SER A 73 -16.08 10.23 -11.60
C SER A 73 -16.40 8.97 -12.42
N LEU A 74 -17.37 9.12 -13.32
CA LEU A 74 -17.69 8.11 -14.32
C LEU A 74 -16.45 7.87 -15.15
N THR A 75 -16.16 6.61 -15.44
CA THR A 75 -15.03 6.29 -16.29
C THR A 75 -15.44 6.57 -17.74
N PRO A 76 -14.46 6.69 -18.64
CA PRO A 76 -14.74 6.87 -20.07
C PRO A 76 -15.65 5.80 -20.64
N ILE A 77 -15.41 4.54 -20.31
CA ILE A 77 -16.28 3.47 -20.78
C ILE A 77 -17.71 3.68 -20.27
N GLN A 78 -17.86 4.09 -19.01
CA GLN A 78 -19.18 4.34 -18.43
C GLN A 78 -19.88 5.50 -19.10
N SER A 79 -19.13 6.57 -19.34
CA SER A 79 -19.67 7.77 -19.96
C SER A 79 -20.34 7.46 -21.30
N GLN A 80 -19.72 6.61 -22.09
CA GLN A 80 -20.25 6.35 -23.44
C GLN A 80 -21.14 5.11 -23.51
N ALA A 81 -20.78 4.05 -22.80
CA ALA A 81 -21.53 2.81 -22.90
C ALA A 81 -22.88 2.88 -22.20
N LEU A 82 -22.95 3.62 -21.09
CA LEU A 82 -24.22 3.72 -20.35
C LEU A 82 -25.37 4.29 -21.19
N PRO A 83 -25.18 5.46 -21.82
CA PRO A 83 -26.32 5.92 -22.64
C PRO A 83 -26.57 5.03 -23.89
N ALA A 84 -25.54 4.42 -24.47
CA ALA A 84 -25.75 3.60 -25.65
C ALA A 84 -26.53 2.32 -25.32
N ILE A 85 -26.19 1.69 -24.21
CA ILE A 85 -26.87 0.49 -23.75
C ILE A 85 -28.27 0.78 -23.19
N MET A 86 -28.40 1.89 -22.44
CA MET A 86 -29.68 2.26 -21.88
CA MET A 86 -29.67 2.30 -21.88
C MET A 86 -30.67 2.58 -23.01
N SER A 87 -30.13 2.96 -24.16
CA SER A 87 -30.94 3.24 -25.34
C SER A 87 -31.37 1.98 -26.09
N GLY A 88 -30.93 0.81 -25.64
CA GLY A 88 -31.33 -0.44 -26.25
C GLY A 88 -30.44 -0.94 -27.38
N ARG A 89 -29.35 -0.23 -27.66
CA ARG A 89 -28.47 -0.62 -28.75
C ARG A 89 -27.57 -1.84 -28.42
N ASP A 90 -27.30 -2.63 -29.46
CA ASP A 90 -26.27 -3.64 -29.36
C ASP A 90 -24.95 -2.88 -29.30
N VAL A 91 -24.05 -3.33 -28.43
CA VAL A 91 -22.81 -2.62 -28.19
C VAL A 91 -21.60 -3.57 -28.08
N ILE A 92 -20.52 -3.19 -28.75
CA ILE A 92 -19.22 -3.79 -28.55
C ILE A 92 -18.39 -2.81 -27.74
N GLY A 93 -17.98 -3.22 -26.54
CA GLY A 93 -17.23 -2.33 -25.67
C GLY A 93 -15.84 -2.84 -25.43
N ILE A 94 -14.84 -2.18 -26.00
CA ILE A 94 -13.45 -2.56 -25.82
C ILE A 94 -12.76 -1.66 -24.79
N SER A 95 -12.48 -2.21 -23.62
CA SER A 95 -11.81 -1.45 -22.57
C SER A 95 -11.20 -2.42 -21.57
N LYS A 96 -10.24 -1.93 -20.78
CA LYS A 96 -9.50 -2.81 -19.88
C LYS A 96 -10.34 -3.26 -18.69
N THR A 97 -9.95 -4.39 -18.11
CA THR A 97 -10.54 -4.84 -16.87
C THR A 97 -10.27 -3.72 -15.87
N GLY A 98 -11.23 -3.43 -14.99
CA GLY A 98 -11.03 -2.40 -13.99
C GLY A 98 -11.42 -1.02 -14.49
N SER A 99 -12.05 -0.98 -15.65
CA SER A 99 -12.53 0.27 -16.21
C SER A 99 -13.97 0.56 -15.76
N GLY A 100 -14.51 -0.33 -14.93
CA GLY A 100 -15.86 -0.16 -14.42
C GLY A 100 -16.94 -0.62 -15.39
N LYS A 101 -16.54 -1.37 -16.41
CA LYS A 101 -17.48 -1.80 -17.42
C LYS A 101 -18.72 -2.50 -16.86
N THR A 102 -18.58 -3.21 -15.74
CA THR A 102 -19.71 -4.00 -15.25
C THR A 102 -21.00 -3.21 -15.05
N ILE A 103 -20.97 -2.12 -14.28
CA ILE A 103 -22.18 -1.31 -14.11
C ILE A 103 -22.69 -0.73 -15.43
N SER A 104 -21.79 -0.44 -16.35
CA SER A 104 -22.18 -0.03 -17.70
C SER A 104 -23.25 -0.92 -18.34
N TYR A 105 -23.20 -2.24 -18.11
CA TYR A 105 -24.29 -3.08 -18.60
C TYR A 105 -25.31 -3.49 -17.54
N LEU A 106 -24.94 -3.49 -16.26
CA LEU A 106 -25.88 -3.93 -15.24
C LEU A 106 -27.06 -2.98 -15.10
N LEU A 107 -26.78 -1.69 -14.94
CA LEU A 107 -27.87 -0.71 -14.80
C LEU A 107 -28.93 -0.86 -15.90
N PRO A 108 -28.53 -0.74 -17.18
CA PRO A 108 -29.54 -0.93 -18.23
C PRO A 108 -30.22 -2.30 -18.17
N LEU A 109 -29.47 -3.36 -17.85
CA LEU A 109 -30.08 -4.67 -17.72
C LEU A 109 -31.14 -4.70 -16.62
N LEU A 110 -30.80 -4.20 -15.44
CA LEU A 110 -31.77 -4.11 -14.36
C LEU A 110 -33.03 -3.39 -14.83
N ARG A 111 -32.83 -2.23 -15.43
CA ARG A 111 -33.95 -1.44 -15.91
C ARG A 111 -34.82 -2.27 -16.84
N GLN A 112 -34.21 -2.93 -17.83
CA GLN A 112 -34.96 -3.68 -18.84
C GLN A 112 -35.75 -4.83 -18.26
N VAL A 113 -35.12 -5.59 -17.36
CA VAL A 113 -35.81 -6.72 -16.75
C VAL A 113 -36.96 -6.23 -15.86
N LYS A 114 -36.70 -5.17 -15.09
CA LYS A 114 -37.71 -4.58 -14.22
C LYS A 114 -39.01 -4.23 -14.93
N ALA A 115 -38.88 -3.72 -16.15
CA ALA A 115 -40.03 -3.25 -16.90
C ALA A 115 -40.90 -4.36 -17.44
N GLN A 116 -40.30 -5.52 -17.68
CA GLN A 116 -41.04 -6.63 -18.25
C GLN A 116 -42.06 -7.17 -17.24
N ARG A 117 -43.13 -7.79 -17.71
CA ARG A 117 -44.07 -8.43 -16.79
C ARG A 117 -43.35 -9.52 -15.98
N PRO A 118 -43.82 -9.76 -14.75
CA PRO A 118 -43.16 -10.82 -13.95
C PRO A 118 -43.27 -12.19 -14.61
N LEU A 119 -42.40 -13.10 -14.18
CA LEU A 119 -42.43 -14.48 -14.63
C LEU A 119 -43.74 -15.10 -14.17
N SER A 120 -44.44 -15.78 -15.07
CA SER A 120 -45.67 -16.46 -14.70
C SER A 120 -45.33 -17.67 -13.82
N LYS A 121 -46.37 -18.33 -13.30
CA LYS A 121 -46.17 -19.49 -12.42
C LYS A 121 -45.56 -20.67 -13.14
N HIS A 122 -45.52 -20.59 -14.47
CA HIS A 122 -45.03 -21.71 -15.28
C HIS A 122 -43.76 -21.34 -16.05
N GLU A 123 -43.28 -20.12 -15.83
CA GLU A 123 -42.09 -19.63 -16.53
C GLU A 123 -40.85 -19.69 -15.64
N THR A 124 -39.76 -20.24 -16.17
CA THR A 124 -38.53 -20.42 -15.42
C THR A 124 -37.67 -19.15 -15.36
N GLY A 125 -37.71 -18.36 -16.43
CA GLY A 125 -36.73 -17.31 -16.63
C GLY A 125 -35.51 -17.95 -17.25
N PRO A 126 -34.45 -17.17 -17.45
CA PRO A 126 -34.37 -15.76 -17.05
C PRO A 126 -34.84 -14.82 -18.16
N MET A 127 -34.81 -13.52 -17.85
CA MET A 127 -35.04 -12.46 -18.82
C MET A 127 -33.70 -11.87 -19.27
N GLY A 128 -32.75 -11.82 -18.34
CA GLY A 128 -31.40 -11.38 -18.63
C GLY A 128 -30.35 -12.47 -18.41
N LEU A 129 -29.38 -12.55 -19.31
CA LEU A 129 -28.31 -13.54 -19.21
C LEU A 129 -26.95 -12.89 -19.39
N ILE A 130 -26.05 -13.14 -18.46
CA ILE A 130 -24.70 -12.63 -18.54
C ILE A 130 -23.77 -13.82 -18.59
N LEU A 131 -22.94 -13.87 -19.63
CA LEU A 131 -22.01 -14.97 -19.79
C LEU A 131 -20.58 -14.51 -19.49
N ALA A 132 -19.85 -15.36 -18.77
CA ALA A 132 -18.46 -15.11 -18.43
C ALA A 132 -17.63 -16.35 -18.70
N PRO A 133 -16.34 -16.18 -18.99
CA PRO A 133 -15.52 -17.33 -19.36
C PRO A 133 -14.97 -18.14 -18.19
N THR A 134 -14.94 -17.56 -16.98
CA THR A 134 -14.40 -18.23 -15.81
C THR A 134 -15.39 -18.19 -14.64
N ARG A 135 -15.31 -19.18 -13.77
CA ARG A 135 -16.15 -19.18 -12.57
C ARG A 135 -15.94 -17.93 -11.72
N GLU A 136 -14.68 -17.52 -11.61
CA GLU A 136 -14.30 -16.39 -10.78
C GLU A 136 -14.92 -15.09 -11.29
N LEU A 137 -14.97 -14.91 -12.61
CA LEU A 137 -15.62 -13.73 -13.14
C LEU A 137 -17.15 -13.78 -12.95
N ALA A 138 -17.77 -14.94 -13.23
CA ALA A 138 -19.21 -15.08 -13.04
C ALA A 138 -19.63 -14.73 -11.62
N LEU A 139 -18.92 -15.27 -10.63
CA LEU A 139 -19.16 -14.99 -9.21
C LEU A 139 -19.04 -13.50 -8.90
N GLN A 140 -17.99 -12.87 -9.42
CA GLN A 140 -17.81 -11.43 -9.25
C GLN A 140 -18.95 -10.60 -9.85
N ILE A 141 -19.38 -10.93 -11.07
CA ILE A 141 -20.49 -10.23 -11.72
C ILE A 141 -21.78 -10.39 -10.91
N HIS A 142 -22.02 -11.62 -10.47
CA HIS A 142 -23.23 -11.96 -9.73
C HIS A 142 -23.27 -11.26 -8.37
N GLU A 143 -22.10 -11.02 -7.79
CA GLU A 143 -22.00 -10.29 -6.54
C GLU A 143 -22.46 -8.87 -6.75
N GLU A 144 -22.02 -8.25 -7.84
CA GLU A 144 -22.52 -6.94 -8.24
C GLU A 144 -24.04 -6.96 -8.37
N VAL A 145 -24.53 -7.86 -9.20
CA VAL A 145 -25.96 -7.99 -9.40
C VAL A 145 -26.71 -8.01 -8.06
N THR A 146 -26.25 -8.82 -7.13
CA THR A 146 -26.93 -8.97 -5.86
C THR A 146 -26.97 -7.67 -5.07
N LYS A 147 -25.93 -6.85 -5.23
CA LYS A 147 -25.92 -5.59 -4.52
CA LYS A 147 -25.89 -5.56 -4.57
C LYS A 147 -27.09 -4.72 -5.00
N PHE A 148 -27.65 -5.05 -6.17
CA PHE A 148 -28.84 -4.35 -6.69
C PHE A 148 -30.13 -5.13 -6.43
N THR A 149 -30.08 -6.45 -6.54
CA THR A 149 -31.28 -7.27 -6.31
C THR A 149 -31.62 -7.34 -4.81
N GLU A 150 -30.67 -6.91 -3.97
CA GLU A 150 -30.85 -6.95 -2.51
C GLU A 150 -32.01 -6.07 -2.08
N ALA A 151 -31.99 -4.82 -2.54
CA ALA A 151 -33.06 -3.88 -2.23
C ALA A 151 -34.37 -4.35 -2.82
N ASP A 152 -34.33 -4.84 -4.05
CA ASP A 152 -35.54 -5.15 -4.81
C ASP A 152 -35.79 -6.66 -4.90
N THR A 153 -36.81 -7.12 -4.18
CA THR A 153 -37.12 -8.54 -4.11
C THR A 153 -37.87 -9.05 -5.32
N SER A 154 -38.14 -8.17 -6.28
CA SER A 154 -38.83 -8.62 -7.50
C SER A 154 -37.84 -9.25 -8.48
N ILE A 155 -36.56 -9.16 -8.17
CA ILE A 155 -35.51 -9.60 -9.08
C ILE A 155 -34.45 -10.47 -8.41
N ARG A 156 -34.32 -11.70 -8.88
CA ARG A 156 -33.28 -12.61 -8.41
CA ARG A 156 -33.29 -12.63 -8.42
C ARG A 156 -32.24 -12.83 -9.50
N SER A 157 -31.06 -13.26 -9.06
CA SER A 157 -29.99 -13.68 -9.95
C SER A 157 -29.49 -15.00 -9.40
N VAL A 158 -29.22 -15.93 -10.30
CA VAL A 158 -28.58 -17.19 -9.93
C VAL A 158 -27.28 -17.33 -10.70
N CYS A 159 -26.24 -17.76 -10.02
CA CYS A 159 -24.94 -17.88 -10.66
C CYS A 159 -24.67 -19.34 -10.99
N CYS A 160 -24.52 -19.65 -12.28
CA CYS A 160 -24.38 -21.01 -12.77
C CYS A 160 -23.03 -21.23 -13.43
N THR A 161 -22.13 -21.88 -12.72
CA THR A 161 -20.79 -22.11 -13.22
C THR A 161 -20.36 -23.56 -13.06
N GLY A 162 -19.25 -23.90 -13.72
CA GLY A 162 -18.63 -25.19 -13.53
C GLY A 162 -17.73 -25.09 -12.32
N GLY A 163 -17.03 -26.17 -12.02
CA GLY A 163 -16.21 -26.22 -10.82
C GLY A 163 -17.10 -25.96 -9.62
N SER A 164 -18.33 -26.44 -9.70
CA SER A 164 -19.28 -26.24 -8.60
C SER A 164 -20.52 -27.13 -8.72
N GLU A 165 -21.01 -27.58 -7.57
CA GLU A 165 -22.19 -28.46 -7.50
C GLU A 165 -23.30 -28.02 -8.44
N MET A 166 -23.75 -28.95 -9.27
CA MET A 166 -24.86 -28.71 -10.17
C MET A 166 -26.20 -28.76 -9.43
N LYS A 167 -26.31 -29.71 -8.51
CA LYS A 167 -27.56 -29.92 -7.79
C LYS A 167 -27.92 -28.65 -7.03
N LYS A 168 -26.90 -28.05 -6.42
CA LYS A 168 -27.06 -26.81 -5.70
C LYS A 168 -27.70 -25.76 -6.59
N GLN A 169 -27.26 -25.66 -7.84
CA GLN A 169 -27.81 -24.59 -8.68
C GLN A 169 -29.17 -24.96 -9.23
N ILE A 170 -29.42 -26.26 -9.33
CA ILE A 170 -30.74 -26.71 -9.76
C ILE A 170 -31.81 -26.33 -8.72
N THR A 171 -31.47 -26.45 -7.43
CA THR A 171 -32.42 -26.06 -6.40
C THR A 171 -32.83 -24.60 -6.59
N ASP A 172 -31.85 -23.70 -6.75
CA ASP A 172 -32.17 -22.32 -7.14
C ASP A 172 -33.17 -22.26 -8.30
N LEU A 173 -32.72 -22.67 -9.47
CA LEU A 173 -33.48 -22.53 -10.71
C LEU A 173 -34.89 -23.14 -10.63
N LYS A 174 -35.11 -24.02 -9.67
CA LYS A 174 -36.45 -24.52 -9.41
C LYS A 174 -37.40 -23.33 -9.16
N ARG A 175 -36.97 -22.39 -8.32
CA ARG A 175 -37.80 -21.26 -7.90
C ARG A 175 -38.00 -20.15 -8.94
N GLY A 176 -37.47 -20.36 -10.15
CA GLY A 176 -37.49 -19.32 -11.18
C GLY A 176 -36.50 -18.22 -10.88
N THR A 177 -36.01 -17.56 -11.91
CA THR A 177 -35.04 -16.48 -11.73
C THR A 177 -35.08 -15.52 -12.91
N GLU A 178 -35.05 -14.23 -12.59
CA GLU A 178 -35.11 -13.16 -13.57
C GLU A 178 -33.77 -12.96 -14.26
N ILE A 179 -32.70 -13.30 -13.56
CA ILE A 179 -31.35 -13.12 -14.11
C ILE A 179 -30.48 -14.33 -13.87
N VAL A 180 -29.74 -14.73 -14.90
CA VAL A 180 -28.71 -15.76 -14.74
C VAL A 180 -27.33 -15.21 -15.08
N VAL A 181 -26.35 -15.51 -14.25
CA VAL A 181 -24.96 -15.26 -14.56
C VAL A 181 -24.29 -16.62 -14.70
N ALA A 182 -23.66 -16.90 -15.84
CA ALA A 182 -23.15 -18.25 -16.07
C ALA A 182 -21.86 -18.36 -16.90
N THR A 183 -21.17 -19.48 -16.75
CA THR A 183 -20.18 -19.88 -17.74
C THR A 183 -20.92 -20.71 -18.80
N PRO A 184 -20.45 -20.66 -20.06
CA PRO A 184 -21.21 -21.21 -21.20
C PRO A 184 -21.56 -22.71 -21.15
N GLY A 185 -20.61 -23.52 -20.69
CA GLY A 185 -20.78 -24.96 -20.64
C GLY A 185 -21.87 -25.37 -19.66
N ARG A 186 -21.75 -24.88 -18.44
CA ARG A 186 -22.73 -25.15 -17.42
C ARG A 186 -24.11 -24.71 -17.90
N PHE A 187 -24.20 -23.55 -18.51
CA PHE A 187 -25.48 -23.05 -18.97
C PHE A 187 -26.08 -23.98 -20.01
N ILE A 188 -25.30 -24.28 -21.05
CA ILE A 188 -25.75 -25.25 -22.04
C ILE A 188 -26.13 -26.57 -21.38
N ASP A 189 -25.33 -27.03 -20.42
CA ASP A 189 -25.65 -28.27 -19.73
C ASP A 189 -27.00 -28.18 -19.02
N ILE A 190 -27.27 -27.03 -18.42
CA ILE A 190 -28.54 -26.83 -17.72
C ILE A 190 -29.71 -26.71 -18.68
N LEU A 191 -29.48 -26.10 -19.84
CA LEU A 191 -30.53 -25.95 -20.84
C LEU A 191 -31.03 -27.28 -21.39
N THR A 192 -30.12 -28.23 -21.55
CA THR A 192 -30.41 -29.47 -22.26
C THR A 192 -30.95 -30.48 -21.25
N LEU A 193 -30.45 -30.39 -20.03
CA LEU A 193 -30.86 -31.23 -18.90
C LEU A 193 -32.38 -31.41 -18.82
N ASN A 194 -32.84 -32.62 -18.48
CA ASN A 194 -34.25 -32.93 -18.27
C ASN A 194 -35.21 -32.37 -19.35
N ASP A 195 -34.88 -32.60 -20.63
CA ASP A 195 -35.70 -32.14 -21.75
C ASP A 195 -35.75 -30.62 -21.84
N GLY A 196 -34.76 -29.96 -21.24
CA GLY A 196 -34.79 -28.50 -21.19
C GLY A 196 -36.01 -27.95 -20.48
N LYS A 197 -36.50 -28.67 -19.48
CA LYS A 197 -37.69 -28.23 -18.77
C LYS A 197 -37.42 -27.46 -17.47
N LEU A 198 -36.15 -27.26 -17.11
CA LEU A 198 -35.83 -26.51 -15.88
C LEU A 198 -35.37 -25.09 -16.15
N LEU A 199 -35.19 -24.76 -17.42
CA LEU A 199 -34.65 -23.47 -17.81
C LEU A 199 -35.07 -23.23 -19.25
N SER A 200 -35.73 -22.10 -19.48
CA SER A 200 -36.19 -21.72 -20.80
C SER A 200 -35.38 -20.53 -21.31
N THR A 201 -35.20 -20.44 -22.62
CA THR A 201 -34.58 -19.26 -23.19
C THR A 201 -35.62 -18.32 -23.79
N LYS A 202 -36.89 -18.70 -23.70
CA LYS A 202 -37.96 -17.96 -24.36
C LYS A 202 -38.16 -16.53 -23.87
N ARG A 203 -37.68 -16.21 -22.67
CA ARG A 203 -37.96 -14.89 -22.13
C ARG A 203 -36.70 -14.04 -22.03
N ILE A 204 -35.60 -14.56 -22.54
CA ILE A 204 -34.35 -13.82 -22.59
C ILE A 204 -34.44 -12.73 -23.66
N THR A 205 -34.32 -11.47 -23.22
CA THR A 205 -34.34 -10.33 -24.13
C THR A 205 -33.00 -9.57 -24.12
N PHE A 206 -32.16 -9.90 -23.14
CA PHE A 206 -30.90 -9.21 -22.94
C PHE A 206 -29.76 -10.22 -22.60
N VAL A 207 -28.76 -10.30 -23.48
CA VAL A 207 -27.56 -11.09 -23.25
C VAL A 207 -26.33 -10.20 -23.22
N VAL A 208 -25.50 -10.37 -22.18
CA VAL A 208 -24.19 -9.75 -22.04
C VAL A 208 -23.11 -10.83 -22.07
N MET A 209 -22.03 -10.58 -22.79
CA MET A 209 -20.88 -11.45 -22.77
C MET A 209 -19.68 -10.60 -22.36
N ASP A 210 -19.14 -10.90 -21.19
CA ASP A 210 -18.07 -10.11 -20.62
C ASP A 210 -16.75 -10.89 -20.74
N GLU A 211 -15.65 -10.17 -20.79
CA GLU A 211 -14.35 -10.70 -21.23
C GLU A 211 -14.54 -11.62 -22.43
N ALA A 212 -15.16 -11.09 -23.48
CA ALA A 212 -15.55 -11.91 -24.64
C ALA A 212 -14.38 -12.59 -25.36
N ASP A 213 -13.23 -11.93 -25.39
CA ASP A 213 -12.05 -12.49 -26.07
C ASP A 213 -11.64 -13.80 -25.39
N ARG A 214 -11.67 -13.81 -24.05
CA ARG A 214 -11.44 -15.00 -23.24
C ARG A 214 -12.37 -16.19 -23.54
N LEU A 215 -13.64 -15.93 -23.85
CA LEU A 215 -14.56 -17.01 -24.22
C LEU A 215 -14.06 -17.87 -25.39
N PHE A 216 -13.39 -17.26 -26.36
CA PHE A 216 -12.84 -18.01 -27.48
C PHE A 216 -11.55 -18.67 -27.06
N ASP A 217 -10.78 -17.94 -26.25
CA ASP A 217 -9.54 -18.47 -25.67
C ASP A 217 -9.75 -19.78 -24.90
N LEU A 218 -10.85 -19.87 -24.17
CA LEU A 218 -11.11 -21.03 -23.32
C LEU A 218 -12.06 -22.04 -23.98
N GLY A 219 -12.15 -21.94 -25.30
CA GLY A 219 -12.90 -22.90 -26.09
C GLY A 219 -14.43 -22.82 -26.05
N PHE A 220 -15.00 -21.67 -25.76
CA PHE A 220 -16.46 -21.62 -25.64
C PHE A 220 -17.22 -21.18 -26.91
N GLU A 221 -16.54 -21.03 -28.04
CA GLU A 221 -17.28 -20.62 -29.25
C GLU A 221 -18.52 -21.49 -29.48
N PRO A 222 -18.36 -22.83 -29.45
CA PRO A 222 -19.54 -23.66 -29.73
C PRO A 222 -20.69 -23.37 -28.78
N GLN A 223 -20.42 -23.27 -27.47
CA GLN A 223 -21.49 -23.04 -26.51
C GLN A 223 -22.18 -21.67 -26.70
N ILE A 224 -21.41 -20.60 -26.82
CA ILE A 224 -22.04 -19.29 -26.91
C ILE A 224 -22.78 -19.14 -28.23
N THR A 225 -22.26 -19.78 -29.29
CA THR A 225 -22.93 -19.81 -30.57
C THR A 225 -24.28 -20.52 -30.48
N GLN A 226 -24.30 -21.70 -29.87
CA GLN A 226 -25.56 -22.40 -29.68
C GLN A 226 -26.54 -21.62 -28.80
N ILE A 227 -26.04 -20.93 -27.78
CA ILE A 227 -26.93 -20.16 -26.91
C ILE A 227 -27.65 -19.03 -27.67
N MET A 228 -26.89 -18.27 -28.45
CA MET A 228 -27.44 -17.20 -29.25
C MET A 228 -28.44 -17.73 -30.29
N LYS A 229 -28.34 -19.01 -30.63
CA LYS A 229 -29.30 -19.61 -31.56
C LYS A 229 -30.65 -19.93 -30.92
N THR A 230 -30.69 -20.07 -29.60
CA THR A 230 -31.97 -20.28 -28.90
C THR A 230 -32.55 -18.96 -28.35
N VAL A 231 -31.86 -17.86 -28.60
CA VAL A 231 -32.31 -16.54 -28.15
C VAL A 231 -32.91 -15.77 -29.30
N ARG A 232 -34.05 -15.13 -29.05
CA ARG A 232 -34.69 -14.29 -30.07
C ARG A 232 -33.70 -13.28 -30.69
N PRO A 233 -33.74 -13.11 -32.02
CA PRO A 233 -32.69 -12.34 -32.67
C PRO A 233 -32.87 -10.83 -32.54
N ASP A 234 -34.00 -10.38 -32.00
CA ASP A 234 -34.20 -8.95 -31.68
C ASP A 234 -33.86 -8.66 -30.22
N LYS A 235 -33.15 -9.59 -29.59
CA LYS A 235 -32.65 -9.38 -28.25
C LYS A 235 -31.66 -8.22 -28.28
N GLN A 236 -31.41 -7.64 -27.11
CA GLN A 236 -30.32 -6.69 -27.01
C GLN A 236 -29.12 -7.50 -26.56
N CYS A 237 -27.96 -7.25 -27.16
CA CYS A 237 -26.77 -8.00 -26.82
C CYS A 237 -25.59 -7.06 -26.70
N VAL A 238 -24.82 -7.18 -25.63
CA VAL A 238 -23.58 -6.43 -25.53
C VAL A 238 -22.38 -7.34 -25.25
N LEU A 239 -21.28 -7.03 -25.90
CA LEU A 239 -20.07 -7.78 -25.83
C LEU A 239 -19.00 -6.85 -25.26
N PHE A 240 -18.47 -7.18 -24.07
CA PHE A 240 -17.38 -6.41 -23.47
C PHE A 240 -16.09 -7.23 -23.47
N SER A 241 -14.97 -6.60 -23.81
CA SER A 241 -13.72 -7.34 -23.91
C SER A 241 -12.55 -6.37 -23.85
N ALA A 242 -11.42 -6.80 -23.33
CA ALA A 242 -10.23 -5.95 -23.26
C ALA A 242 -9.53 -5.84 -24.62
N THR A 243 -9.70 -6.88 -25.45
CA THR A 243 -9.13 -6.89 -26.81
C THR A 243 -10.18 -7.31 -27.82
N PHE A 244 -9.85 -7.17 -29.10
CA PHE A 244 -10.79 -7.43 -30.18
C PHE A 244 -10.17 -8.36 -31.22
N PRO A 245 -9.94 -9.62 -30.83
CA PRO A 245 -9.35 -10.59 -31.78
C PRO A 245 -10.27 -10.85 -32.96
N ASN A 246 -9.71 -11.37 -34.05
CA ASN A 246 -10.49 -11.66 -35.25
C ASN A 246 -11.70 -12.53 -34.96
N LYS A 247 -11.54 -13.48 -34.03
CA LYS A 247 -12.62 -14.40 -33.66
C LYS A 247 -13.82 -13.62 -33.13
N LEU A 248 -13.56 -12.60 -32.32
CA LEU A 248 -14.62 -11.80 -31.69
C LEU A 248 -15.25 -10.92 -32.74
N ARG A 249 -14.40 -10.30 -33.56
CA ARG A 249 -14.87 -9.45 -34.66
C ARG A 249 -15.87 -10.22 -35.51
N SER A 250 -15.52 -11.46 -35.80
CA SER A 250 -16.34 -12.32 -36.64
C SER A 250 -17.62 -12.71 -35.89
N PHE A 251 -17.48 -13.03 -34.61
CA PHE A 251 -18.65 -13.36 -33.79
C PHE A 251 -19.67 -12.20 -33.69
N ALA A 252 -19.19 -10.98 -33.51
CA ALA A 252 -20.08 -9.80 -33.40
C ALA A 252 -20.96 -9.60 -34.65
N VAL A 253 -20.37 -9.77 -35.82
CA VAL A 253 -21.12 -9.68 -37.05
C VAL A 253 -22.24 -10.72 -37.03
N ARG A 254 -21.96 -11.89 -36.49
CA ARG A 254 -22.97 -12.94 -36.46
CA ARG A 254 -22.94 -12.97 -36.43
C ARG A 254 -24.09 -12.67 -35.46
N VAL A 255 -23.80 -12.06 -34.32
CA VAL A 255 -24.84 -11.98 -33.29
C VAL A 255 -25.42 -10.60 -33.00
N LEU A 256 -24.85 -9.56 -33.61
CA LEU A 256 -25.28 -8.20 -33.32
C LEU A 256 -25.98 -7.52 -34.49
N HIS A 257 -26.89 -6.61 -34.16
CA HIS A 257 -27.54 -5.72 -35.13
C HIS A 257 -27.11 -4.27 -34.95
N SER A 258 -26.73 -3.62 -36.05
CA SER A 258 -26.30 -2.24 -36.03
C SER A 258 -25.53 -1.92 -34.76
N PRO A 259 -24.42 -2.64 -34.50
CA PRO A 259 -23.72 -2.41 -33.25
C PRO A 259 -23.02 -1.06 -33.17
N ILE A 260 -22.94 -0.51 -31.97
CA ILE A 260 -22.08 0.63 -31.73
C ILE A 260 -20.85 0.08 -31.07
N SER A 261 -19.70 0.35 -31.66
CA SER A 261 -18.47 -0.08 -31.01
C SER A 261 -17.84 1.11 -30.30
N ILE A 262 -17.30 0.84 -29.12
CA ILE A 262 -16.72 1.87 -28.29
C ILE A 262 -15.33 1.40 -27.87
N THR A 263 -14.31 2.13 -28.27
CA THR A 263 -12.96 1.72 -27.95
C THR A 263 -12.30 2.82 -27.15
N ILE A 264 -11.71 2.49 -26.01
CA ILE A 264 -11.08 3.52 -25.21
C ILE A 264 -9.58 3.58 -25.49
N ASN A 265 -9.11 4.75 -25.91
CA ASN A 265 -7.69 4.98 -26.14
C ASN A 265 -6.95 3.73 -26.61
N SER A 266 -7.41 3.13 -27.71
CA SER A 266 -6.72 2.00 -28.31
C SER A 266 -5.33 2.47 -28.74
N LYS A 267 -5.33 3.47 -29.62
CA LYS A 267 -4.09 4.12 -30.03
C LYS A 267 -4.08 5.55 -29.51
N GLY A 268 -2.98 6.26 -29.76
CA GLY A 268 -2.85 7.64 -29.36
C GLY A 268 -3.71 8.56 -30.21
N MET A 269 -4.17 9.62 -29.56
CA MET A 269 -4.94 10.70 -30.18
C MET A 269 -4.19 11.32 -31.36
N VAL A 270 -2.88 11.42 -31.20
CA VAL A 270 -1.99 11.89 -32.26
C VAL A 270 -1.21 10.67 -32.78
N ASN A 271 -0.96 10.63 -34.08
CA ASN A 271 -0.21 9.53 -34.68
C ASN A 271 1.10 9.33 -33.95
N GLU A 272 1.38 8.08 -33.55
CA GLU A 272 2.54 7.77 -32.71
C GLU A 272 3.88 8.09 -33.39
N ASN A 273 3.86 8.30 -34.70
CA ASN A 273 5.08 8.66 -35.44
C ASN A 273 5.39 10.15 -35.43
N VAL A 274 4.38 10.95 -35.10
CA VAL A 274 4.60 12.37 -34.83
C VAL A 274 5.40 12.56 -33.52
N LYS A 275 6.49 13.31 -33.60
CA LYS A 275 7.25 13.63 -32.39
C LYS A 275 6.74 14.90 -31.74
N GLN A 276 6.04 14.75 -30.62
CA GLN A 276 5.48 15.88 -29.91
C GLN A 276 6.48 16.44 -28.90
N LYS A 277 6.66 17.75 -28.94
CA LYS A 277 7.59 18.44 -28.04
C LYS A 277 6.92 19.71 -27.57
N PHE A 278 7.48 20.33 -26.53
CA PHE A 278 7.04 21.65 -26.13
C PHE A 278 8.18 22.42 -25.49
N ARG A 279 8.02 23.73 -25.41
CA ARG A 279 8.93 24.60 -24.69
C ARG A 279 8.11 25.58 -23.89
N ILE A 280 8.34 25.60 -22.58
CA ILE A 280 7.64 26.53 -21.70
C ILE A 280 8.34 27.89 -21.61
N CYS A 281 7.63 28.93 -22.02
CA CYS A 281 8.20 30.27 -22.04
C CYS A 281 7.53 31.18 -21.03
N HIS A 282 8.15 32.31 -20.74
CA HIS A 282 7.60 33.23 -19.76
C HIS A 282 7.23 34.64 -20.27
N SER A 283 7.52 34.91 -21.53
CA SER A 283 7.08 36.16 -22.17
C SER A 283 6.87 35.91 -23.66
N GLU A 284 5.98 36.71 -24.27
CA GLU A 284 5.73 36.61 -25.71
C GLU A 284 7.05 36.79 -26.46
N ASP A 285 7.92 37.61 -25.89
CA ASP A 285 9.23 37.89 -26.47
C ASP A 285 10.10 36.63 -26.49
N GLU A 286 10.14 35.95 -25.35
CA GLU A 286 10.85 34.67 -25.29
C GLU A 286 10.25 33.66 -26.28
N LYS A 287 8.93 33.60 -26.36
CA LYS A 287 8.29 32.73 -27.36
C LYS A 287 8.80 33.09 -28.74
N PHE A 288 8.96 34.37 -29.00
CA PHE A 288 9.39 34.78 -30.32
C PHE A 288 10.86 34.45 -30.52
N ASP A 289 11.65 34.60 -29.47
CA ASP A 289 13.05 34.20 -29.55
C ASP A 289 13.22 32.70 -29.87
N ASN A 290 12.42 31.87 -29.21
CA ASN A 290 12.41 30.44 -29.49
C ASN A 290 11.97 30.13 -30.93
N LEU A 291 10.89 30.78 -31.36
CA LEU A 291 10.39 30.59 -32.70
C LEU A 291 11.48 30.81 -33.76
N VAL A 292 12.29 31.84 -33.55
CA VAL A 292 13.36 32.19 -34.51
C VAL A 292 14.50 31.17 -34.43
N GLN A 293 14.93 30.87 -33.21
CA GLN A 293 15.98 29.85 -33.01
C GLN A 293 15.56 28.56 -33.70
N LEU A 294 14.32 28.15 -33.46
CA LEU A 294 13.77 27.00 -34.15
C LEU A 294 13.89 27.07 -35.67
N ILE A 295 13.58 28.23 -36.25
CA ILE A 295 13.57 28.35 -37.70
C ILE A 295 14.96 28.31 -38.31
N HIS A 296 15.91 28.91 -37.62
CA HIS A 296 17.31 28.84 -38.05
C HIS A 296 17.88 27.45 -37.84
N GLU A 297 17.79 26.94 -36.61
CA GLU A 297 18.31 25.61 -36.27
C GLU A 297 17.95 24.56 -37.30
N ARG A 298 16.69 24.59 -37.72
CA ARG A 298 16.16 23.64 -38.70
C ARG A 298 17.02 23.54 -39.96
N SER A 299 17.63 24.65 -40.33
CA SER A 299 18.40 24.73 -41.58
C SER A 299 19.63 23.83 -41.56
N GLU A 300 20.19 23.62 -40.37
CA GLU A 300 21.39 22.81 -40.24
C GLU A 300 21.09 21.35 -40.55
N PHE A 301 19.80 21.03 -40.67
CA PHE A 301 19.35 19.67 -40.96
C PHE A 301 18.82 19.53 -42.39
N PHE A 302 19.16 20.48 -43.25
CA PHE A 302 18.75 20.41 -44.65
C PHE A 302 19.70 19.54 -45.46
N ASP A 320 10.78 17.29 -49.37
CA ASP A 320 11.25 18.62 -49.01
C ASP A 320 11.24 18.82 -47.49
N ALA A 321 11.67 20.01 -47.04
CA ALA A 321 11.62 20.35 -45.64
C ALA A 321 10.93 21.69 -45.45
N LYS A 322 9.64 21.66 -45.13
CA LYS A 322 8.91 22.91 -44.90
C LYS A 322 8.26 22.93 -43.51
N ALA A 323 7.81 24.11 -43.08
CA ALA A 323 7.22 24.24 -41.75
C ALA A 323 5.93 25.04 -41.79
N ILE A 324 5.12 24.88 -40.75
CA ILE A 324 3.93 25.69 -40.55
C ILE A 324 3.89 26.21 -39.14
N ILE A 325 3.88 27.52 -38.98
CA ILE A 325 3.65 28.12 -37.68
C ILE A 325 2.15 28.33 -37.51
N PHE A 326 1.55 27.78 -36.46
CA PHE A 326 0.13 28.06 -36.23
C PHE A 326 -0.08 29.13 -35.14
N VAL A 327 -0.90 30.14 -35.43
CA VAL A 327 -1.25 31.13 -34.43
C VAL A 327 -2.75 31.10 -34.18
N SER A 328 -3.21 31.83 -33.17
CA SER A 328 -4.60 31.71 -32.74
C SER A 328 -5.56 32.72 -33.34
N SER A 329 -5.03 33.82 -33.90
CA SER A 329 -5.88 34.88 -34.43
C SER A 329 -5.28 35.56 -35.65
N GLN A 330 -6.14 36.25 -36.40
CA GLN A 330 -5.72 37.00 -37.56
C GLN A 330 -4.80 38.18 -37.17
N ASN A 331 -5.11 38.85 -36.06
CA ASN A 331 -4.24 39.94 -35.56
C ASN A 331 -2.86 39.43 -35.17
N ILE A 332 -2.81 38.26 -34.54
CA ILE A 332 -1.52 37.68 -34.16
C ILE A 332 -0.71 37.29 -35.40
N CYS A 333 -1.39 36.66 -36.36
CA CYS A 333 -0.79 36.30 -37.64
C CYS A 333 -0.16 37.50 -38.35
N ASP A 334 -0.87 38.63 -38.41
CA ASP A 334 -0.32 39.83 -39.04
C ASP A 334 0.92 40.30 -38.29
N PHE A 335 0.78 40.46 -36.99
CA PHE A 335 1.88 40.88 -36.12
C PHE A 335 3.12 40.01 -36.30
N ILE A 336 2.96 38.71 -36.13
CA ILE A 336 4.08 37.78 -36.21
C ILE A 336 4.69 37.78 -37.60
N SER A 337 3.85 37.97 -38.61
CA SER A 337 4.33 38.07 -39.98
C SER A 337 5.31 39.23 -40.14
N LYS A 338 4.90 40.41 -39.68
CA LYS A 338 5.73 41.61 -39.71
C LYS A 338 6.98 41.44 -38.81
N LYS A 339 6.76 41.01 -37.57
CA LYS A 339 7.86 40.64 -36.68
C LYS A 339 8.92 39.76 -37.33
N LEU A 340 8.50 38.62 -37.88
CA LEU A 340 9.41 37.68 -38.52
C LEU A 340 10.12 38.30 -39.72
N LEU A 341 9.41 39.18 -40.41
CA LEU A 341 9.98 39.91 -41.54
C LEU A 341 11.12 40.81 -41.07
N ASN A 342 10.81 41.72 -40.15
CA ASN A 342 11.82 42.63 -39.60
C ASN A 342 13.09 41.90 -39.12
N ALA A 343 12.99 40.59 -38.95
CA ALA A 343 14.11 39.81 -38.44
C ALA A 343 14.74 38.92 -39.50
N GLY A 344 14.44 39.20 -40.77
CA GLY A 344 15.07 38.49 -41.87
C GLY A 344 14.39 37.19 -42.29
N ILE A 345 13.23 36.89 -41.73
CA ILE A 345 12.54 35.66 -42.09
C ILE A 345 11.24 35.89 -42.87
N VAL A 346 11.17 35.32 -44.06
CA VAL A 346 10.02 35.49 -44.94
C VAL A 346 9.07 34.30 -44.82
N THR A 347 7.79 34.60 -44.63
CA THR A 347 6.78 33.58 -44.43
C THR A 347 5.61 33.73 -45.40
N CYS A 348 4.91 32.64 -45.64
CA CYS A 348 3.71 32.70 -46.45
C CYS A 348 2.52 32.72 -45.52
N ALA A 349 1.95 33.90 -45.30
CA ALA A 349 0.92 34.06 -44.28
C ALA A 349 -0.50 33.88 -44.83
N ILE A 350 -1.33 33.21 -44.04
CA ILE A 350 -2.64 32.79 -44.48
C ILE A 350 -3.65 32.98 -43.37
N HIS A 351 -4.77 33.64 -43.67
CA HIS A 351 -5.88 33.69 -42.73
C HIS A 351 -7.14 34.23 -43.44
N ALA A 352 -8.30 34.08 -42.80
CA ALA A 352 -9.57 34.30 -43.47
C ALA A 352 -9.96 35.77 -43.57
N GLY A 353 -9.14 36.66 -43.02
CA GLY A 353 -9.34 38.09 -43.20
C GLY A 353 -8.66 38.54 -44.48
N LYS A 354 -7.85 37.67 -45.09
CA LYS A 354 -7.18 37.97 -46.34
C LYS A 354 -8.06 37.56 -47.53
N PRO A 355 -8.08 38.39 -48.58
CA PRO A 355 -8.80 38.06 -49.83
C PRO A 355 -8.35 36.72 -50.36
N TYR A 356 -9.29 35.91 -50.81
CA TYR A 356 -8.97 34.55 -51.22
C TYR A 356 -7.86 34.52 -52.27
N GLN A 357 -7.77 35.57 -53.07
CA GLN A 357 -6.79 35.63 -54.14
C GLN A 357 -5.38 35.65 -53.58
N GLU A 358 -5.17 36.40 -52.51
CA GLU A 358 -3.85 36.42 -51.90
C GLU A 358 -3.56 35.17 -51.04
N ARG A 359 -4.60 34.56 -50.48
CA ARG A 359 -4.43 33.26 -49.84
C ARG A 359 -3.81 32.27 -50.83
N LEU A 360 -4.35 32.25 -52.05
CA LEU A 360 -3.91 31.34 -53.10
C LEU A 360 -2.47 31.62 -53.51
N MET A 361 -2.13 32.90 -53.62
CA MET A 361 -0.77 33.34 -53.90
C MET A 361 0.22 32.84 -52.86
N ASN A 362 -0.15 32.96 -51.60
CA ASN A 362 0.71 32.49 -50.54
C ASN A 362 0.80 30.96 -50.49
N LEU A 363 -0.32 30.28 -50.74
CA LEU A 363 -0.32 28.81 -50.69
C LEU A 363 0.57 28.18 -51.75
N GLU A 364 0.54 28.78 -52.94
CA GLU A 364 1.28 28.36 -54.13
C GLU A 364 2.76 28.70 -53.98
N LYS A 365 3.02 29.81 -53.33
CA LYS A 365 4.39 30.23 -53.05
C LYS A 365 5.00 29.22 -52.09
N PHE A 366 4.18 28.81 -51.11
CA PHE A 366 4.59 27.82 -50.12
C PHE A 366 4.81 26.47 -50.76
N LYS A 367 3.88 26.04 -51.61
CA LYS A 367 4.03 24.77 -52.29
C LYS A 367 5.12 24.80 -53.36
N ARG A 368 5.47 26.00 -53.80
CA ARG A 368 6.51 26.18 -54.82
C ARG A 368 7.90 26.18 -54.20
N GLU A 369 8.20 27.24 -53.44
CA GLU A 369 9.55 27.49 -52.95
C GLU A 369 10.05 26.43 -51.97
N LYS A 370 11.29 26.01 -52.17
CA LYS A 370 11.90 24.99 -51.32
C LYS A 370 12.10 25.51 -49.89
N ASN A 371 11.88 24.64 -48.91
CA ASN A 371 12.06 24.98 -47.49
C ASN A 371 11.22 26.19 -47.03
N SER A 372 10.05 26.34 -47.64
CA SER A 372 9.14 27.42 -47.34
C SER A 372 8.51 27.27 -45.95
N ILE A 373 8.00 28.37 -45.43
CA ILE A 373 7.34 28.40 -44.13
C ILE A 373 5.94 29.00 -44.27
N LEU A 374 4.91 28.22 -43.93
CA LEU A 374 3.55 28.76 -43.90
C LEU A 374 3.28 29.33 -42.51
N LEU A 375 2.55 30.43 -42.46
CA LEU A 375 2.14 31.04 -41.20
C LEU A 375 0.63 31.18 -41.18
N CYS A 376 -0.04 30.42 -40.31
CA CYS A 376 -1.46 30.16 -40.50
C CYS A 376 -2.22 30.15 -39.18
N THR A 377 -3.49 30.57 -39.24
CA THR A 377 -4.34 30.47 -38.06
C THR A 377 -4.76 29.04 -37.82
N GLU A 378 -4.81 28.67 -36.55
CA GLU A 378 -5.09 27.29 -36.13
C GLU A 378 -6.40 26.77 -36.72
N VAL A 379 -7.39 27.65 -36.91
CA VAL A 379 -8.72 27.24 -37.38
C VAL A 379 -8.74 26.74 -38.82
N LEU A 380 -7.76 27.16 -39.61
CA LEU A 380 -7.70 26.73 -41.00
C LEU A 380 -6.92 25.42 -41.16
N SER A 381 -6.47 24.84 -40.06
CA SER A 381 -5.51 23.72 -40.14
C SER A 381 -6.09 22.43 -40.74
N ARG A 382 -7.29 22.07 -40.31
CA ARG A 382 -7.88 20.82 -40.77
C ARG A 382 -8.01 20.79 -42.29
N GLY A 383 -8.30 21.93 -42.90
CA GLY A 383 -8.60 21.97 -44.32
C GLY A 383 -7.51 22.45 -45.28
N LEU A 384 -6.35 22.77 -44.74
CA LEU A 384 -5.27 23.27 -45.57
C LEU A 384 -5.02 22.32 -46.72
N ASN A 385 -4.96 22.87 -47.93
CA ASN A 385 -4.62 22.05 -49.07
C ASN A 385 -3.13 22.13 -49.41
N VAL A 386 -2.34 21.48 -48.54
CA VAL A 386 -0.90 21.33 -48.69
C VAL A 386 -0.50 19.91 -48.30
N PRO A 387 0.66 19.46 -48.78
CA PRO A 387 1.16 18.15 -48.38
C PRO A 387 1.64 18.18 -46.94
N GLU A 388 1.80 17.00 -46.33
CA GLU A 388 2.37 16.93 -44.99
C GLU A 388 3.70 17.68 -44.97
N VAL A 389 4.05 18.21 -43.80
CA VAL A 389 5.27 18.99 -43.64
C VAL A 389 6.18 18.34 -42.60
N SER A 390 7.43 18.83 -42.52
CA SER A 390 8.41 18.25 -41.60
C SER A 390 8.34 18.88 -40.21
N LEU A 391 7.82 20.11 -40.13
CA LEU A 391 7.78 20.83 -38.86
C LEU A 391 6.53 21.67 -38.65
N VAL A 392 5.85 21.45 -37.54
CA VAL A 392 4.77 22.32 -37.11
C VAL A 392 5.23 23.03 -35.86
N ILE A 393 5.21 24.35 -35.89
CA ILE A 393 5.42 25.12 -34.68
C ILE A 393 4.11 25.77 -34.29
N ILE A 394 3.50 25.28 -33.22
CA ILE A 394 2.33 25.91 -32.65
C ILE A 394 2.75 27.06 -31.77
N TYR A 395 2.57 28.28 -32.25
CA TYR A 395 3.06 29.47 -31.55
C TYR A 395 2.15 29.88 -30.40
N ASN A 396 0.85 29.63 -30.53
CA ASN A 396 -0.09 29.87 -29.44
C ASN A 396 -0.67 28.56 -29.03
N ALA A 397 -0.38 28.10 -27.83
CA ALA A 397 -0.80 26.76 -27.43
C ALA A 397 -2.29 26.63 -27.67
N VAL A 398 -2.71 25.56 -28.32
CA VAL A 398 -4.13 25.42 -28.63
C VAL A 398 -4.87 25.08 -27.36
N LYS A 399 -6.18 25.29 -27.36
CA LYS A 399 -7.00 25.13 -26.16
C LYS A 399 -7.95 23.97 -26.24
N THR A 400 -8.00 23.29 -27.38
CA THR A 400 -8.83 22.10 -27.47
C THR A 400 -8.06 20.88 -27.99
N PHE A 401 -8.55 19.70 -27.66
CA PHE A 401 -7.93 18.47 -28.14
C PHE A 401 -8.13 18.35 -29.65
N ALA A 402 -9.31 18.74 -30.12
CA ALA A 402 -9.61 18.65 -31.56
C ALA A 402 -8.69 19.53 -32.37
N GLN A 403 -8.42 20.74 -31.88
CA GLN A 403 -7.54 21.65 -32.60
C GLN A 403 -6.09 21.17 -32.54
N TYR A 404 -5.70 20.56 -31.43
CA TYR A 404 -4.36 20.00 -31.31
C TYR A 404 -4.14 18.86 -32.32
N VAL A 405 -5.13 17.98 -32.45
CA VAL A 405 -5.08 16.93 -33.47
C VAL A 405 -4.95 17.46 -34.91
N HIS A 406 -5.72 18.49 -35.25
CA HIS A 406 -5.70 19.04 -36.60
C HIS A 406 -4.42 19.80 -36.93
N THR A 407 -3.86 20.48 -35.93
CA THR A 407 -2.63 21.24 -36.14
C THR A 407 -1.43 20.30 -36.23
N THR A 408 -1.29 19.42 -35.24
CA THR A 408 -0.19 18.47 -35.25
C THR A 408 -0.31 17.46 -36.41
N GLY A 409 -1.54 17.16 -36.83
CA GLY A 409 -1.76 16.15 -37.87
C GLY A 409 -1.22 16.61 -39.21
N ARG A 410 -0.87 17.89 -39.29
CA ARG A 410 -0.32 18.47 -40.49
C ARG A 410 1.08 17.94 -40.75
N THR A 411 1.67 17.32 -39.74
CA THR A 411 2.98 16.74 -39.93
C THR A 411 2.91 15.21 -39.99
N ALA A 412 1.75 14.65 -39.64
CA ALA A 412 1.58 13.20 -39.59
C ALA A 412 1.74 12.53 -40.96
N ARG A 413 2.51 11.45 -41.00
CA ARG A 413 2.79 10.80 -42.27
C ARG A 413 3.40 9.41 -42.07
N GLY A 414 2.73 8.59 -41.28
CA GLY A 414 3.22 7.25 -41.01
C GLY A 414 4.71 7.27 -40.71
N SER A 415 5.51 6.66 -41.59
CA SER A 415 6.95 6.57 -41.38
C SER A 415 7.66 7.90 -41.58
N ARG A 416 7.11 8.75 -42.45
CA ARG A 416 7.75 10.03 -42.74
C ARG A 416 7.20 11.19 -41.90
N SER A 417 6.50 10.87 -40.80
CA SER A 417 6.00 11.90 -39.89
C SER A 417 7.15 12.74 -39.32
N GLY A 418 6.90 14.02 -39.13
CA GLY A 418 7.91 14.92 -38.60
C GLY A 418 7.63 15.30 -37.16
N THR A 419 7.80 16.58 -36.87
CA THR A 419 7.78 17.05 -35.49
C THR A 419 6.80 18.19 -35.29
N ALA A 420 6.06 18.13 -34.18
CA ALA A 420 5.18 19.23 -33.76
C ALA A 420 5.64 19.74 -32.42
N ILE A 421 5.89 21.05 -32.33
CA ILE A 421 6.34 21.64 -31.09
C ILE A 421 5.43 22.79 -30.68
N THR A 422 5.03 22.79 -29.41
CA THR A 422 4.19 23.84 -28.88
C THR A 422 5.00 24.81 -28.02
N LEU A 423 4.90 26.09 -28.31
CA LEU A 423 5.46 27.12 -27.43
C LEU A 423 4.37 27.53 -26.43
N LEU A 424 4.55 27.11 -25.20
CA LEU A 424 3.55 27.26 -24.16
C LEU A 424 3.98 28.34 -23.16
N LEU A 425 3.02 29.12 -22.68
CA LEU A 425 3.31 30.10 -21.66
C LEU A 425 2.93 29.62 -20.28
N HIS A 426 3.73 30.01 -19.31
CA HIS A 426 3.54 29.68 -17.91
C HIS A 426 2.05 29.75 -17.49
N ASP A 427 1.31 30.71 -18.02
CA ASP A 427 -0.08 30.90 -17.59
C ASP A 427 -1.09 30.02 -18.32
N GLU A 428 -0.62 29.29 -19.32
CA GLU A 428 -1.54 28.57 -20.21
C GLU A 428 -1.90 27.18 -19.68
N LEU A 429 -2.58 27.15 -18.55
CA LEU A 429 -2.88 25.90 -17.87
C LEU A 429 -3.63 24.89 -18.72
N SER A 430 -4.71 25.32 -19.41
CA SER A 430 -5.50 24.36 -20.19
C SER A 430 -4.64 23.79 -21.33
N GLY A 431 -3.74 24.62 -21.85
CA GLY A 431 -2.84 24.19 -22.89
C GLY A 431 -1.91 23.09 -22.42
N ALA A 432 -1.48 23.18 -21.17
CA ALA A 432 -0.63 22.17 -20.58
C ALA A 432 -1.42 20.90 -20.35
N TYR A 433 -2.67 21.05 -19.94
CA TYR A 433 -3.55 19.89 -19.77
C TYR A 433 -3.65 19.11 -21.08
N ILE A 434 -3.88 19.81 -22.17
CA ILE A 434 -3.93 19.11 -23.45
C ILE A 434 -2.61 18.38 -23.74
N LEU A 435 -1.48 19.07 -23.57
CA LEU A 435 -0.21 18.44 -23.92
C LEU A 435 0.05 17.20 -23.07
N SER A 436 -0.30 17.30 -21.80
CA SER A 436 -0.05 16.20 -20.88
C SER A 436 -0.92 15.02 -21.25
N LYS A 437 -2.05 15.26 -21.92
CA LYS A 437 -2.94 14.15 -22.30
C LYS A 437 -2.68 13.57 -23.70
N ALA A 438 -2.03 14.34 -24.57
CA ALA A 438 -1.89 13.93 -25.97
C ALA A 438 -0.48 13.47 -26.28
N MET A 439 0.47 13.84 -25.43
CA MET A 439 1.85 13.43 -25.63
C MET A 439 2.03 12.02 -25.10
N ARG A 440 2.96 11.29 -25.70
CA ARG A 440 3.41 9.99 -25.16
C ARG A 440 4.32 10.24 -23.96
N ASP A 441 4.25 9.33 -23.00
CA ASP A 441 5.03 9.44 -21.77
C ASP A 441 6.51 9.64 -22.08
N GLU A 442 7.01 8.84 -23.02
CA GLU A 442 8.42 8.89 -23.43
C GLU A 442 8.77 10.17 -24.20
N GLU A 443 7.75 10.91 -24.65
CA GLU A 443 8.03 12.20 -25.28
C GLU A 443 8.34 13.24 -24.22
N ILE A 444 7.58 13.19 -23.13
CA ILE A 444 7.80 14.05 -21.99
C ILE A 444 9.11 13.70 -21.22
N LYS A 445 9.57 12.46 -21.36
CA LYS A 445 10.79 12.06 -20.65
C LYS A 445 12.06 12.64 -21.29
N ALA A 446 12.09 12.64 -22.62
CA ALA A 446 13.29 13.06 -23.36
C ALA A 446 13.59 14.56 -23.25
N LEU A 447 12.60 15.33 -22.82
CA LEU A 447 12.79 16.78 -22.61
C LEU A 447 13.31 17.08 -21.18
N ASP A 448 13.72 18.33 -20.96
CA ASP A 448 14.24 18.75 -19.67
C ASP A 448 13.26 18.44 -18.53
N PRO A 449 13.75 17.80 -17.46
CA PRO A 449 12.89 17.35 -16.35
C PRO A 449 12.23 18.50 -15.61
N LEU A 450 12.71 19.72 -15.76
CA LEU A 450 12.06 20.85 -15.11
C LEU A 450 10.90 21.38 -15.97
N GLN A 451 11.14 21.51 -17.27
CA GLN A 451 10.06 21.79 -18.20
C GLN A 451 8.97 20.74 -17.96
N ALA A 452 9.33 19.47 -18.06
CA ALA A 452 8.40 18.41 -17.77
C ALA A 452 7.66 18.63 -16.45
N LYS A 453 8.37 19.05 -15.41
CA LYS A 453 7.73 19.17 -14.09
C LYS A 453 6.75 20.33 -14.07
N GLU A 454 7.15 21.43 -14.68
CA GLU A 454 6.24 22.55 -14.79
C GLU A 454 4.97 22.09 -15.54
N LEU A 455 5.15 21.36 -16.64
CA LEU A 455 4.00 20.87 -17.43
C LEU A 455 2.99 20.16 -16.52
N GLN A 456 3.47 19.17 -15.78
CA GLN A 456 2.58 18.39 -14.91
C GLN A 456 1.93 19.24 -13.83
N GLU A 457 2.68 20.19 -13.28
CA GLU A 457 2.09 21.10 -12.31
C GLU A 457 1.00 21.98 -12.93
N MET A 458 1.30 22.56 -14.09
CA MET A 458 0.32 23.35 -14.82
C MET A 458 -0.95 22.55 -15.07
N SER A 459 -0.79 21.31 -15.53
CA SER A 459 -1.93 20.47 -15.86
C SER A 459 -2.74 20.09 -14.62
N ALA A 460 -2.05 19.78 -13.53
CA ALA A 460 -2.74 19.43 -12.29
C ALA A 460 -3.55 20.62 -11.76
N LYS A 461 -2.97 21.81 -11.86
CA LYS A 461 -3.66 23.01 -11.36
C LYS A 461 -4.93 23.27 -12.15
N PHE A 462 -4.84 23.20 -13.48
CA PHE A 462 -6.00 23.33 -14.35
C PHE A 462 -7.07 22.29 -14.01
N GLU A 463 -6.63 21.07 -13.77
CA GLU A 463 -7.54 19.95 -13.53
C GLU A 463 -8.31 20.08 -12.21
N SER A 464 -7.66 20.57 -11.16
CA SER A 464 -8.34 20.81 -9.90
C SER A 464 -9.10 22.14 -9.97
N GLY A 465 -8.77 22.93 -10.98
CA GLY A 465 -9.52 24.14 -11.26
C GLY A 465 -10.95 23.84 -11.69
N MET A 466 -11.27 22.55 -11.83
CA MET A 466 -12.62 22.13 -12.15
C MET A 466 -13.06 21.02 -11.19
N GLU B 5 8.54 -3.74 64.75
CA GLU B 5 9.10 -2.39 64.89
C GLU B 5 10.41 -2.26 64.11
N LEU B 6 10.26 -2.09 62.81
CA LEU B 6 11.38 -2.06 61.87
C LEU B 6 11.82 -0.62 61.59
N GLU B 7 13.13 -0.42 61.48
CA GLU B 7 13.69 0.89 61.10
C GLU B 7 13.30 1.31 59.67
N PRO B 8 12.92 2.60 59.50
CA PRO B 8 12.54 3.01 58.14
C PRO B 8 13.76 3.14 57.21
N PHE B 9 13.55 2.92 55.91
CA PHE B 9 14.59 3.15 54.91
C PHE B 9 13.98 3.54 53.56
N GLN B 10 14.74 4.23 52.72
CA GLN B 10 14.22 4.63 51.40
C GLN B 10 14.53 3.59 50.32
N LYS B 11 13.53 3.30 49.48
CA LYS B 11 13.63 2.33 48.38
C LYS B 11 13.41 2.99 47.02
N ASN B 12 12.52 3.97 46.99
CA ASN B 12 12.17 4.70 45.76
C ASN B 12 12.96 5.99 45.60
N PHE B 13 13.94 5.99 44.70
CA PHE B 13 14.79 7.14 44.46
C PHE B 13 14.57 7.73 43.08
N TYR B 14 13.67 7.14 42.30
CA TYR B 14 13.58 7.45 40.89
C TYR B 14 12.49 8.45 40.58
N ILE B 15 12.86 9.51 39.87
CA ILE B 15 11.85 10.43 39.32
C ILE B 15 11.92 10.41 37.80
N GLU B 16 10.86 9.92 37.18
CA GLU B 16 10.80 9.82 35.73
C GLU B 16 10.89 11.21 35.12
N SER B 17 11.81 11.39 34.19
CA SER B 17 11.98 12.68 33.55
C SER B 17 10.74 13.04 32.71
N GLU B 18 10.51 14.33 32.54
CA GLU B 18 9.34 14.76 31.79
C GLU B 18 9.40 14.17 30.38
N THR B 19 10.59 14.20 29.78
CA THR B 19 10.76 13.72 28.41
C THR B 19 10.33 12.26 28.30
N VAL B 20 10.54 11.49 29.35
CA VAL B 20 10.17 10.08 29.34
C VAL B 20 8.67 9.94 29.59
N SER B 21 8.17 10.64 30.60
CA SER B 21 6.76 10.54 30.95
C SER B 21 5.83 11.02 29.83
N SER B 22 6.37 11.80 28.89
CA SER B 22 5.50 12.36 27.85
C SER B 22 5.33 11.41 26.66
N MET B 23 6.07 10.31 26.66
CA MET B 23 6.02 9.31 25.60
C MET B 23 4.63 8.71 25.51
N SER B 24 4.12 8.56 24.30
CA SER B 24 2.86 7.84 24.14
C SER B 24 3.11 6.34 24.31
N GLU B 25 2.02 5.62 24.54
CA GLU B 25 2.07 4.17 24.68
C GLU B 25 2.68 3.53 23.42
N MET B 26 2.37 4.06 22.25
CA MET B 26 2.92 3.49 21.02
C MET B 26 4.42 3.70 20.96
N GLU B 27 4.90 4.83 21.46
CA GLU B 27 6.34 5.07 21.49
C GLU B 27 7.01 4.12 22.46
N VAL B 28 6.32 3.82 23.56
CA VAL B 28 6.85 2.90 24.55
C VAL B 28 6.94 1.50 23.95
N GLU B 29 5.88 1.11 23.24
CA GLU B 29 5.85 -0.18 22.60
C GLU B 29 7.00 -0.34 21.60
N GLU B 30 7.24 0.69 20.80
CA GLU B 30 8.27 0.61 19.77
C GLU B 30 9.64 0.52 20.39
N LEU B 31 9.86 1.29 21.45
CA LEU B 31 11.10 1.25 22.20
C LEU B 31 11.39 -0.15 22.79
N ARG B 32 10.39 -0.75 23.41
CA ARG B 32 10.57 -2.10 23.94
C ARG B 32 10.90 -3.10 22.83
N LEU B 33 10.28 -2.95 21.65
CA LEU B 33 10.55 -3.86 20.54
C LEU B 33 12.00 -3.74 20.09
N SER B 34 12.48 -2.52 19.96
CA SER B 34 13.84 -2.28 19.47
C SER B 34 14.88 -2.79 20.48
N LEU B 35 14.46 -2.90 21.74
CA LEU B 35 15.34 -3.34 22.82
C LEU B 35 15.21 -4.82 23.04
N ASP B 36 15.40 -5.60 21.97
CA ASP B 36 15.27 -7.05 22.03
C ASP B 36 13.92 -7.53 22.57
N ASN B 37 12.85 -6.83 22.18
CA ASN B 37 11.51 -7.34 22.41
C ASN B 37 11.17 -7.53 23.89
N ILE B 38 11.42 -6.49 24.68
CA ILE B 38 11.04 -6.47 26.10
C ILE B 38 9.55 -6.72 26.28
N LYS B 39 9.20 -7.64 27.17
CA LYS B 39 7.81 -7.81 27.59
C LYS B 39 7.72 -7.65 29.09
N ILE B 40 6.59 -7.14 29.55
CA ILE B 40 6.43 -6.75 30.95
C ILE B 40 5.15 -7.34 31.50
N LYS B 41 5.21 -7.82 32.75
CA LYS B 41 4.01 -8.09 33.55
C LYS B 41 4.11 -7.33 34.87
N GLY B 42 2.97 -6.94 35.41
CA GLY B 42 2.93 -6.19 36.67
C GLY B 42 2.26 -4.83 36.45
N THR B 43 1.76 -4.24 37.53
CA THR B 43 1.10 -2.96 37.46
C THR B 43 2.11 -1.85 37.75
N GLY B 44 1.97 -0.72 37.07
CA GLY B 44 2.77 0.46 37.36
C GLY B 44 4.21 0.42 36.93
N CYS B 45 4.53 -0.42 35.94
CA CYS B 45 5.91 -0.51 35.48
C CYS B 45 6.30 0.81 34.82
N PRO B 46 7.42 1.40 35.24
CA PRO B 46 7.93 2.61 34.61
C PRO B 46 8.34 2.38 33.14
N LYS B 47 8.33 3.44 32.36
CA LYS B 47 8.82 3.38 30.99
C LYS B 47 10.30 3.13 31.01
N PRO B 48 10.81 2.45 29.97
CA PRO B 48 12.25 2.24 29.79
C PRO B 48 12.99 3.56 29.53
N VAL B 49 14.25 3.69 29.95
CA VAL B 49 15.04 4.89 29.66
C VAL B 49 16.15 4.54 28.70
N THR B 50 16.62 5.51 27.91
CA THR B 50 17.67 5.20 26.95
C THR B 50 19.03 5.83 27.26
N LYS B 51 19.09 6.65 28.30
CA LYS B 51 20.36 7.26 28.67
C LYS B 51 20.61 7.24 30.16
N TRP B 52 21.87 7.08 30.52
CA TRP B 52 22.24 7.00 31.92
C TRP B 52 21.73 8.20 32.70
N SER B 53 21.80 9.37 32.06
CA SER B 53 21.48 10.63 32.72
C SER B 53 20.03 10.68 33.16
N GLN B 54 19.17 9.96 32.43
CA GLN B 54 17.76 9.93 32.74
C GLN B 54 17.44 9.26 34.06
N LEU B 55 18.47 8.76 34.75
CA LEU B 55 18.26 7.99 35.97
C LEU B 55 18.45 8.82 37.25
N GLY B 56 18.60 10.14 37.09
CA GLY B 56 18.84 11.00 38.23
C GLY B 56 20.00 10.47 39.05
N LEU B 57 21.01 9.95 38.36
CA LEU B 57 22.13 9.28 39.02
C LEU B 57 23.13 10.25 39.64
N SER B 58 23.90 9.74 40.60
CA SER B 58 24.84 10.54 41.37
C SER B 58 26.06 10.96 40.55
N THR B 59 26.59 12.14 40.86
CA THR B 59 27.75 12.70 40.14
C THR B 59 28.94 11.74 40.09
N ASP B 60 29.30 11.17 41.24
CA ASP B 60 30.38 10.19 41.28
C ASP B 60 30.03 8.99 40.39
N THR B 61 28.78 8.55 40.46
CA THR B 61 28.35 7.37 39.75
C THR B 61 28.44 7.57 38.23
N MET B 62 28.03 8.74 37.76
CA MET B 62 28.09 9.04 36.34
C MET B 62 29.52 8.98 35.82
N VAL B 63 30.47 9.27 36.69
CA VAL B 63 31.88 9.26 36.33
C VAL B 63 32.41 7.83 36.24
N LEU B 64 32.18 7.05 37.28
CA LEU B 64 32.61 5.65 37.31
C LEU B 64 32.14 4.87 36.09
N ILE B 65 30.86 5.03 35.76
CA ILE B 65 30.24 4.24 34.70
C ILE B 65 30.66 4.69 33.30
N THR B 66 30.62 6.00 33.06
CA THR B 66 30.94 6.54 31.74
C THR B 66 32.30 7.22 31.75
N GLU B 67 33.34 6.41 31.92
CA GLU B 67 34.72 6.89 31.98
C GLU B 67 35.60 5.71 32.38
N LYS B 68 35.55 5.36 33.66
CA LYS B 68 36.26 4.18 34.16
C LYS B 68 35.40 2.95 33.96
N LEU B 69 34.62 2.96 32.88
CA LEU B 69 33.82 1.82 32.46
C LEU B 69 33.36 2.08 31.02
N HIS B 70 33.05 3.34 30.74
CA HIS B 70 32.78 3.79 29.36
C HIS B 70 31.56 3.14 28.69
N PHE B 71 30.45 3.01 29.42
CA PHE B 71 29.21 2.56 28.82
C PHE B 71 28.38 3.72 28.30
N GLY B 72 28.58 4.05 27.03
CA GLY B 72 27.79 5.10 26.40
C GLY B 72 26.32 4.72 26.35
N SER B 73 26.06 3.42 26.18
CA SER B 73 24.69 2.95 26.02
C SER B 73 24.21 2.09 27.20
N LEU B 74 22.93 1.73 27.17
CA LEU B 74 22.37 0.83 28.16
C LEU B 74 21.88 -0.38 27.43
N THR B 75 21.83 -1.50 28.12
CA THR B 75 21.36 -2.73 27.51
C THR B 75 19.87 -2.85 27.76
N PRO B 76 19.19 -3.67 26.96
CA PRO B 76 17.75 -3.86 27.16
C PRO B 76 17.39 -4.02 28.62
N ILE B 77 18.01 -4.98 29.31
CA ILE B 77 17.68 -5.24 30.70
C ILE B 77 17.99 -4.02 31.57
N GLN B 78 19.06 -3.31 31.25
CA GLN B 78 19.38 -2.10 32.00
C GLN B 78 18.34 -1.00 31.76
N SER B 79 17.90 -0.87 30.51
CA SER B 79 16.93 0.16 30.13
C SER B 79 15.62 0.06 30.90
N GLN B 80 15.18 -1.18 31.14
CA GLN B 80 13.88 -1.39 31.78
C GLN B 80 13.99 -1.73 33.27
N ALA B 81 15.02 -2.49 33.65
CA ALA B 81 15.16 -2.88 35.05
C ALA B 81 15.62 -1.73 35.92
N LEU B 82 16.57 -0.94 35.45
CA LEU B 82 17.05 0.17 36.26
C LEU B 82 15.95 1.13 36.78
N PRO B 83 15.10 1.67 35.87
CA PRO B 83 14.04 2.53 36.40
C PRO B 83 13.08 1.80 37.37
N ALA B 84 12.73 0.56 37.06
CA ALA B 84 11.86 -0.22 37.96
C ALA B 84 12.47 -0.47 39.35
N ILE B 85 13.71 -0.91 39.39
CA ILE B 85 14.33 -1.23 40.68
C ILE B 85 14.59 0.05 41.47
N MET B 86 15.06 1.08 40.78
CA MET B 86 15.32 2.35 41.44
C MET B 86 14.04 2.99 41.96
N SER B 87 12.89 2.55 41.45
CA SER B 87 11.60 2.99 41.94
C SER B 87 11.17 2.22 43.17
N GLY B 88 12.00 1.28 43.61
CA GLY B 88 11.71 0.50 44.80
C GLY B 88 10.88 -0.74 44.59
N ARG B 89 10.68 -1.14 43.34
CA ARG B 89 9.83 -2.28 43.03
C ARG B 89 10.59 -3.59 43.12
N ASP B 90 9.88 -4.64 43.50
CA ASP B 90 10.40 -5.99 43.40
C ASP B 90 10.31 -6.39 41.94
N VAL B 91 11.37 -7.02 41.45
CA VAL B 91 11.52 -7.25 40.02
C VAL B 91 12.01 -8.64 39.69
N ILE B 92 11.40 -9.24 38.68
CA ILE B 92 11.91 -10.47 38.11
C ILE B 92 12.50 -10.13 36.76
N GLY B 93 13.77 -10.45 36.56
CA GLY B 93 14.43 -10.09 35.32
C GLY B 93 14.87 -11.32 34.57
N ILE B 94 14.17 -11.63 33.48
CA ILE B 94 14.45 -12.82 32.70
C ILE B 94 15.30 -12.47 31.48
N SER B 95 16.56 -12.90 31.49
CA SER B 95 17.47 -12.68 30.36
C SER B 95 18.69 -13.61 30.42
N LYS B 96 19.33 -13.83 29.27
CA LYS B 96 20.49 -14.69 29.19
C LYS B 96 21.72 -14.02 29.80
N THR B 97 22.65 -14.79 30.35
CA THR B 97 23.82 -14.19 30.99
C THR B 97 24.64 -13.42 29.96
N GLY B 98 25.30 -12.35 30.43
CA GLY B 98 26.03 -11.46 29.55
C GLY B 98 25.17 -10.34 28.96
N SER B 99 23.96 -10.20 29.49
CA SER B 99 23.02 -9.21 28.99
C SER B 99 23.15 -7.89 29.77
N GLY B 100 24.06 -7.86 30.74
CA GLY B 100 24.32 -6.64 31.48
C GLY B 100 23.48 -6.55 32.72
N LYS B 101 23.05 -7.70 33.22
CA LYS B 101 22.12 -7.72 34.34
C LYS B 101 22.77 -7.40 35.68
N THR B 102 24.09 -7.56 35.78
CA THR B 102 24.74 -7.33 37.06
C THR B 102 24.60 -5.87 37.49
N ILE B 103 25.00 -4.96 36.61
CA ILE B 103 24.83 -3.52 36.81
C ILE B 103 23.38 -3.16 37.14
N SER B 104 22.45 -3.92 36.57
CA SER B 104 21.02 -3.67 36.72
C SER B 104 20.54 -3.67 38.16
N TYR B 105 21.13 -4.54 38.98
CA TYR B 105 20.75 -4.62 40.39
C TYR B 105 21.83 -4.02 41.26
N LEU B 106 23.04 -3.91 40.75
CA LEU B 106 24.13 -3.39 41.56
C LEU B 106 23.98 -1.91 41.86
N LEU B 107 23.70 -1.11 40.84
CA LEU B 107 23.56 0.34 41.03
C LEU B 107 22.46 0.71 42.03
N PRO B 108 21.25 0.17 41.85
CA PRO B 108 20.18 0.48 42.80
C PRO B 108 20.54 -0.01 44.20
N LEU B 109 21.17 -1.17 44.29
CA LEU B 109 21.50 -1.75 45.59
C LEU B 109 22.47 -0.82 46.28
N LEU B 110 23.50 -0.39 45.56
CA LEU B 110 24.51 0.49 46.13
C LEU B 110 23.86 1.78 46.58
N ARG B 111 22.97 2.33 45.74
CA ARG B 111 22.26 3.56 46.08
C ARG B 111 21.43 3.39 47.36
N GLN B 112 20.69 2.29 47.46
CA GLN B 112 19.89 2.05 48.64
C GLN B 112 20.73 1.89 49.92
N VAL B 113 21.88 1.23 49.80
CA VAL B 113 22.73 1.01 50.97
C VAL B 113 23.36 2.32 51.43
N LYS B 114 23.85 3.10 50.46
CA LYS B 114 24.55 4.35 50.79
C LYS B 114 23.64 5.40 51.42
N ALA B 115 22.35 5.34 51.11
CA ALA B 115 21.36 6.27 51.67
C ALA B 115 21.05 6.01 53.16
N GLN B 116 21.46 4.85 53.65
CA GLN B 116 21.14 4.48 55.02
C GLN B 116 22.21 4.92 56.03
N ARG B 117 21.86 4.92 57.31
CA ARG B 117 22.86 5.24 58.33
C ARG B 117 23.82 4.07 58.35
N PRO B 118 25.11 4.35 58.61
CA PRO B 118 26.13 3.30 58.63
C PRO B 118 25.89 2.30 59.75
N LEU B 119 26.61 1.18 59.73
CA LEU B 119 26.52 0.24 60.83
C LEU B 119 27.01 0.92 62.12
N SER B 120 26.24 0.77 63.20
CA SER B 120 26.70 1.16 64.53
C SER B 120 27.70 0.12 65.10
N LYS B 121 28.13 0.33 66.35
CA LYS B 121 29.21 -0.47 66.93
C LYS B 121 28.84 -1.93 67.19
N HIS B 122 27.57 -2.20 67.42
CA HIS B 122 27.12 -3.56 67.72
C HIS B 122 26.44 -4.24 66.52
N GLU B 123 26.52 -3.58 65.37
CA GLU B 123 25.83 -4.08 64.18
C GLU B 123 26.80 -4.75 63.22
N THR B 124 26.51 -5.99 62.86
CA THR B 124 27.36 -6.78 61.98
C THR B 124 27.13 -6.52 60.50
N GLY B 125 25.93 -6.06 60.15
CA GLY B 125 25.48 -6.05 58.77
C GLY B 125 25.12 -7.46 58.33
N PRO B 126 24.82 -7.64 57.04
CA PRO B 126 24.95 -6.61 56.01
C PRO B 126 23.61 -5.93 55.80
N MET B 127 23.59 -5.00 54.86
CA MET B 127 22.34 -4.34 54.49
C MET B 127 21.84 -4.90 53.16
N GLY B 128 22.80 -5.28 52.32
CA GLY B 128 22.50 -5.83 51.00
C GLY B 128 23.03 -7.25 50.89
N LEU B 129 22.23 -8.16 50.36
CA LEU B 129 22.62 -9.56 50.23
C LEU B 129 22.43 -10.05 48.82
N ILE B 130 23.49 -10.63 48.26
CA ILE B 130 23.39 -11.22 46.93
C ILE B 130 23.64 -12.72 47.04
N LEU B 131 22.69 -13.50 46.53
CA LEU B 131 22.77 -14.96 46.52
C LEU B 131 23.06 -15.47 45.12
N ALA B 132 24.02 -16.40 45.03
CA ALA B 132 24.36 -17.07 43.78
C ALA B 132 24.42 -18.58 44.00
N PRO B 133 24.15 -19.36 42.95
CA PRO B 133 24.00 -20.81 43.11
C PRO B 133 25.32 -21.55 43.28
N THR B 134 26.41 -20.95 42.79
CA THR B 134 27.72 -21.57 42.83
C THR B 134 28.76 -20.60 43.37
N ARG B 135 29.93 -21.13 43.68
CA ARG B 135 31.04 -20.30 44.14
C ARG B 135 31.65 -19.52 42.99
N GLU B 136 31.67 -20.08 41.79
CA GLU B 136 32.29 -19.39 40.67
C GLU B 136 31.54 -18.09 40.39
N LEU B 137 30.26 -18.10 40.72
CA LEU B 137 29.39 -16.98 40.39
C LEU B 137 29.52 -15.91 41.43
N ALA B 138 29.30 -16.29 42.68
CA ALA B 138 29.44 -15.36 43.80
C ALA B 138 30.76 -14.62 43.70
N LEU B 139 31.81 -15.36 43.37
CA LEU B 139 33.14 -14.75 43.24
C LEU B 139 33.14 -13.66 42.19
N GLN B 140 32.58 -13.99 41.04
CA GLN B 140 32.47 -13.07 39.93
C GLN B 140 31.68 -11.82 40.33
N ILE B 141 30.60 -12.02 41.10
CA ILE B 141 29.74 -10.93 41.52
C ILE B 141 30.45 -10.06 42.56
N HIS B 142 30.94 -10.68 43.61
CA HIS B 142 31.76 -9.97 44.57
C HIS B 142 32.80 -9.09 43.87
N GLU B 143 33.39 -9.58 42.78
CA GLU B 143 34.38 -8.79 42.03
C GLU B 143 33.80 -7.54 41.38
N GLU B 144 32.58 -7.62 40.86
CA GLU B 144 31.93 -6.43 40.33
C GLU B 144 31.61 -5.48 41.48
N VAL B 145 31.20 -6.03 42.62
CA VAL B 145 30.87 -5.20 43.77
C VAL B 145 32.09 -4.41 44.25
N THR B 146 33.24 -5.06 44.36
CA THR B 146 34.43 -4.35 44.84
C THR B 146 34.85 -3.23 43.87
N LYS B 147 34.71 -3.46 42.56
CA LYS B 147 35.05 -2.43 41.59
C LYS B 147 34.23 -1.20 41.89
N PHE B 148 32.94 -1.40 42.06
CA PHE B 148 32.05 -0.29 42.36
C PHE B 148 32.35 0.37 43.68
N THR B 149 33.04 -0.34 44.56
CA THR B 149 33.34 0.19 45.88
C THR B 149 34.84 0.37 46.15
N GLU B 150 35.65 0.29 45.09
CA GLU B 150 37.09 0.47 45.22
C GLU B 150 37.41 1.83 45.82
N ALA B 151 36.59 2.82 45.48
CA ALA B 151 36.79 4.17 45.99
C ALA B 151 36.07 4.45 47.30
N ASP B 152 34.94 3.80 47.54
CA ASP B 152 34.06 4.18 48.66
C ASP B 152 34.30 3.39 49.93
N THR B 153 35.02 4.00 50.86
CA THR B 153 35.39 3.34 52.12
C THR B 153 34.16 2.96 52.95
N SER B 154 33.02 3.59 52.67
CA SER B 154 31.85 3.38 53.51
C SER B 154 31.11 2.07 53.19
N ILE B 155 31.43 1.47 52.06
CA ILE B 155 30.75 0.25 51.66
C ILE B 155 31.73 -0.90 51.41
N ARG B 156 31.60 -1.98 52.19
CA ARG B 156 32.43 -3.17 52.03
C ARG B 156 31.57 -4.36 51.65
N SER B 157 32.19 -5.35 51.01
CA SER B 157 31.55 -6.61 50.69
C SER B 157 32.38 -7.79 51.17
N VAL B 158 31.70 -8.89 51.51
CA VAL B 158 32.38 -10.13 51.81
C VAL B 158 31.72 -11.26 51.02
N CYS B 159 32.52 -12.21 50.56
CA CYS B 159 32.02 -13.34 49.79
C CYS B 159 32.02 -14.61 50.63
N CYS B 160 30.84 -15.16 50.87
CA CYS B 160 30.69 -16.31 51.74
C CYS B 160 30.13 -17.51 50.99
N THR B 161 30.98 -18.50 50.72
CA THR B 161 30.60 -19.72 50.01
C THR B 161 30.82 -20.96 50.85
N MET B 166 36.78 -20.91 54.64
CA MET B 166 35.78 -20.43 55.60
C MET B 166 36.41 -19.56 56.68
N LYS B 167 37.59 -19.95 57.15
CA LYS B 167 38.28 -19.21 58.22
C LYS B 167 38.64 -17.80 57.80
N LYS B 168 39.05 -17.64 56.55
CA LYS B 168 39.29 -16.31 56.00
C LYS B 168 38.00 -15.48 56.12
N GLN B 169 36.87 -16.13 55.88
CA GLN B 169 35.58 -15.45 55.88
C GLN B 169 35.15 -14.99 57.27
N ILE B 170 35.49 -15.77 58.29
CA ILE B 170 35.16 -15.41 59.65
C ILE B 170 35.89 -14.14 60.07
N THR B 171 37.14 -13.98 59.62
CA THR B 171 37.94 -12.81 60.00
C THR B 171 37.53 -11.53 59.26
N ASP B 172 36.99 -11.66 58.04
CA ASP B 172 36.45 -10.50 57.34
C ASP B 172 35.14 -10.06 57.96
N LEU B 173 34.30 -11.03 58.30
CA LEU B 173 33.00 -10.73 58.90
C LEU B 173 33.14 -10.09 60.27
N LYS B 174 34.21 -10.41 60.98
CA LYS B 174 34.41 -9.87 62.32
C LYS B 174 34.41 -8.33 62.29
N ARG B 175 34.91 -7.77 61.21
CA ARG B 175 34.96 -6.31 61.06
C ARG B 175 33.64 -5.70 60.61
N GLY B 176 32.63 -6.53 60.35
CA GLY B 176 31.36 -6.06 59.87
C GLY B 176 31.37 -5.86 58.36
N THR B 177 30.19 -5.90 57.74
CA THR B 177 30.12 -5.67 56.31
C THR B 177 28.75 -5.17 55.88
N GLU B 178 28.75 -4.31 54.87
CA GLU B 178 27.54 -3.69 54.36
C GLU B 178 26.87 -4.60 53.31
N ILE B 179 27.70 -5.37 52.61
CA ILE B 179 27.21 -6.25 51.56
C ILE B 179 27.82 -7.65 51.68
N VAL B 180 26.95 -8.67 51.59
CA VAL B 180 27.43 -10.03 51.46
C VAL B 180 27.03 -10.59 50.10
N VAL B 181 27.97 -11.29 49.47
CA VAL B 181 27.68 -12.09 48.30
C VAL B 181 27.90 -13.53 48.77
N ALA B 182 26.89 -14.39 48.64
CA ALA B 182 27.01 -15.74 49.20
C ALA B 182 26.22 -16.81 48.46
N THR B 183 26.68 -18.05 48.59
CA THR B 183 25.86 -19.21 48.25
C THR B 183 24.93 -19.43 49.44
N PRO B 184 23.72 -19.93 49.17
CA PRO B 184 22.67 -19.96 50.19
C PRO B 184 23.00 -20.81 51.43
N GLY B 185 23.67 -21.94 51.22
CA GLY B 185 24.02 -22.83 52.31
C GLY B 185 25.03 -22.20 53.26
N ARG B 186 26.17 -21.78 52.71
CA ARG B 186 27.24 -21.12 53.47
C ARG B 186 26.76 -19.93 54.26
N PHE B 187 25.71 -19.28 53.75
CA PHE B 187 25.17 -18.11 54.41
C PHE B 187 24.37 -18.54 55.61
N ILE B 188 23.44 -19.48 55.41
CA ILE B 188 22.60 -19.93 56.51
C ILE B 188 23.47 -20.44 57.65
N ASP B 189 24.61 -21.01 57.28
CA ASP B 189 25.52 -21.55 58.29
C ASP B 189 26.02 -20.40 59.17
N ILE B 190 26.63 -19.41 58.53
CA ILE B 190 27.22 -18.29 59.25
C ILE B 190 26.22 -17.63 60.21
N LEU B 191 24.95 -17.63 59.83
CA LEU B 191 23.93 -17.05 60.69
C LEU B 191 23.81 -17.75 62.05
N THR B 192 24.30 -18.98 62.16
CA THR B 192 24.27 -19.66 63.45
C THR B 192 25.57 -19.45 64.23
N LEU B 193 26.68 -19.36 63.49
CA LEU B 193 28.02 -19.17 64.05
C LEU B 193 28.03 -18.20 65.23
N ASN B 194 28.83 -18.55 66.24
CA ASN B 194 28.99 -17.73 67.43
C ASN B 194 27.66 -17.28 68.00
N ASP B 195 26.65 -18.14 67.90
CA ASP B 195 25.33 -17.82 68.45
C ASP B 195 24.74 -16.66 67.64
N GLY B 196 25.01 -16.64 66.33
CA GLY B 196 24.55 -15.58 65.45
C GLY B 196 24.97 -14.18 65.88
N LYS B 197 26.21 -14.05 66.36
CA LYS B 197 26.77 -12.77 66.74
C LYS B 197 27.75 -12.32 65.66
N LEU B 198 28.03 -13.20 64.72
CA LEU B 198 28.95 -12.89 63.64
C LEU B 198 28.25 -12.19 62.47
N LEU B 199 26.96 -12.51 62.29
CA LEU B 199 26.23 -12.06 61.11
C LEU B 199 24.74 -12.06 61.38
N SER B 200 24.04 -11.07 60.82
CA SER B 200 22.64 -10.84 61.18
C SER B 200 21.74 -10.49 59.99
N THR B 201 20.45 -10.74 60.18
CA THR B 201 19.44 -10.42 59.20
C THR B 201 18.83 -9.03 59.48
N LYS B 202 19.16 -8.48 60.64
CA LYS B 202 18.43 -7.31 61.15
C LYS B 202 18.41 -6.08 60.21
N ARG B 203 19.56 -5.76 59.60
CA ARG B 203 19.65 -4.59 58.74
C ARG B 203 19.59 -4.90 57.24
N ILE B 204 19.22 -6.12 56.88
CA ILE B 204 19.13 -6.44 55.46
C ILE B 204 17.90 -5.77 54.89
N THR B 205 18.09 -4.99 53.82
CA THR B 205 16.96 -4.30 53.19
C THR B 205 16.84 -4.65 51.71
N PHE B 206 17.89 -5.26 51.16
CA PHE B 206 17.94 -5.53 49.73
C PHE B 206 18.52 -6.93 49.47
N VAL B 207 17.69 -7.80 48.90
CA VAL B 207 18.10 -9.16 48.56
C VAL B 207 18.05 -9.41 47.06
N VAL B 208 19.18 -9.83 46.50
CA VAL B 208 19.27 -10.16 45.08
C VAL B 208 19.51 -11.66 44.96
N MET B 209 18.77 -12.33 44.07
CA MET B 209 19.08 -13.71 43.74
C MET B 209 19.37 -13.84 42.25
N ASP B 210 20.63 -14.08 41.93
CA ASP B 210 21.07 -14.18 40.55
C ASP B 210 21.15 -15.66 40.11
N GLU B 211 20.99 -15.90 38.81
CA GLU B 211 20.72 -17.22 38.26
C GLU B 211 19.73 -18.00 39.13
N ALA B 212 18.56 -17.39 39.36
CA ALA B 212 17.59 -17.99 40.28
C ALA B 212 17.12 -19.39 39.85
N ASP B 213 17.10 -19.65 38.54
CA ASP B 213 16.66 -20.97 38.08
C ASP B 213 17.62 -22.06 38.55
N ARG B 214 18.91 -21.76 38.50
CA ARG B 214 19.96 -22.63 39.01
C ARG B 214 19.86 -22.81 40.53
N LEU B 215 19.45 -21.76 41.24
CA LEU B 215 19.26 -21.88 42.67
C LEU B 215 18.33 -23.03 42.99
N PHE B 216 17.21 -23.11 42.26
CA PHE B 216 16.22 -24.16 42.44
C PHE B 216 16.71 -25.50 41.95
N ASP B 217 17.29 -25.49 40.76
CA ASP B 217 17.78 -26.70 40.13
C ASP B 217 18.72 -27.41 41.05
N LEU B 218 19.64 -26.65 41.64
CA LEU B 218 20.69 -27.22 42.45
C LEU B 218 20.23 -27.51 43.89
N GLY B 219 18.95 -27.24 44.15
CA GLY B 219 18.32 -27.62 45.41
C GLY B 219 18.39 -26.60 46.54
N PHE B 220 18.37 -25.31 46.22
CA PHE B 220 18.52 -24.30 47.28
C PHE B 220 17.20 -23.69 47.71
N GLU B 221 16.09 -24.25 47.23
CA GLU B 221 14.78 -23.68 47.49
C GLU B 221 14.42 -23.64 48.98
N PRO B 222 14.70 -24.72 49.71
CA PRO B 222 14.56 -24.71 51.17
C PRO B 222 15.29 -23.54 51.86
N GLN B 223 16.60 -23.45 51.67
CA GLN B 223 17.42 -22.40 52.27
C GLN B 223 16.93 -20.98 51.91
N ILE B 224 16.77 -20.70 50.61
CA ILE B 224 16.39 -19.35 50.21
C ILE B 224 15.00 -19.00 50.73
N THR B 225 14.13 -20.00 50.84
CA THR B 225 12.80 -19.77 51.40
C THR B 225 12.89 -19.42 52.88
N GLN B 226 13.83 -20.03 53.58
CA GLN B 226 13.97 -19.71 54.99
C GLN B 226 14.53 -18.30 55.16
N ILE B 227 15.50 -17.97 54.32
CA ILE B 227 16.18 -16.68 54.41
C ILE B 227 15.16 -15.53 54.26
N MET B 228 14.32 -15.62 53.23
CA MET B 228 13.29 -14.61 53.02
C MET B 228 12.32 -14.53 54.20
N LYS B 229 12.12 -15.65 54.89
CA LYS B 229 11.29 -15.64 56.09
C LYS B 229 11.99 -14.98 57.28
N THR B 230 13.32 -14.95 57.24
CA THR B 230 14.07 -14.28 58.29
C THR B 230 14.17 -12.77 58.05
N VAL B 231 14.35 -12.41 56.78
CA VAL B 231 14.52 -11.03 56.37
C VAL B 231 13.20 -10.26 56.48
N ARG B 232 13.28 -8.99 56.86
CA ARG B 232 12.08 -8.16 57.02
C ARG B 232 11.17 -8.21 55.77
N PRO B 233 9.85 -8.23 56.00
CA PRO B 233 8.81 -8.35 54.96
C PRO B 233 8.70 -7.15 54.02
N ASP B 234 9.30 -6.03 54.38
CA ASP B 234 9.21 -4.86 53.52
C ASP B 234 10.51 -4.62 52.76
N LYS B 235 11.41 -5.59 52.79
CA LYS B 235 12.65 -5.54 52.01
C LYS B 235 12.41 -5.32 50.52
N GLN B 236 13.47 -4.99 49.79
CA GLN B 236 13.40 -5.02 48.34
C GLN B 236 14.08 -6.30 47.83
N CYS B 237 13.41 -6.99 46.92
CA CYS B 237 13.91 -8.25 46.39
C CYS B 237 13.85 -8.31 44.88
N VAL B 238 14.98 -8.61 44.25
CA VAL B 238 15.04 -8.78 42.80
C VAL B 238 15.58 -10.18 42.45
N LEU B 239 14.94 -10.81 41.47
CA LEU B 239 15.33 -12.14 41.01
C LEU B 239 15.71 -12.06 39.55
N PHE B 240 16.91 -12.52 39.22
CA PHE B 240 17.36 -12.61 37.84
C PHE B 240 17.63 -14.04 37.42
N SER B 241 17.18 -14.38 36.21
CA SER B 241 17.30 -15.74 35.72
C SER B 241 17.28 -15.77 34.17
N ALA B 242 17.83 -16.82 33.57
CA ALA B 242 17.76 -16.97 32.11
C ALA B 242 16.45 -17.63 31.68
N THR B 243 15.84 -18.39 32.58
CA THR B 243 14.56 -19.04 32.30
C THR B 243 13.66 -18.84 33.49
N PHE B 244 12.39 -19.17 33.31
CA PHE B 244 11.41 -18.94 34.35
C PHE B 244 10.54 -20.16 34.52
N PRO B 245 11.13 -21.24 35.04
CA PRO B 245 10.40 -22.48 35.31
C PRO B 245 9.18 -22.17 36.14
N ASN B 246 8.13 -22.96 35.99
CA ASN B 246 6.88 -22.75 36.72
C ASN B 246 7.13 -22.72 38.23
N LYS B 247 8.11 -23.50 38.67
CA LYS B 247 8.43 -23.56 40.10
C LYS B 247 9.08 -22.27 40.60
N LEU B 248 9.84 -21.62 39.73
CA LEU B 248 10.43 -20.33 40.08
C LEU B 248 9.31 -19.30 40.23
N ARG B 249 8.46 -19.18 39.21
CA ARG B 249 7.30 -18.28 39.25
C ARG B 249 6.49 -18.45 40.53
N SER B 250 6.34 -19.70 40.96
CA SER B 250 5.55 -20.01 42.15
C SER B 250 6.14 -19.31 43.36
N PHE B 251 7.42 -19.55 43.59
CA PHE B 251 8.19 -18.88 44.64
C PHE B 251 8.13 -17.34 44.52
N ALA B 252 8.42 -16.82 43.32
CA ALA B 252 8.44 -15.37 43.09
C ALA B 252 7.11 -14.74 43.50
N VAL B 253 6.03 -15.29 42.97
CA VAL B 253 4.69 -14.84 43.30
C VAL B 253 4.44 -14.89 44.80
N ARG B 254 5.15 -15.78 45.48
CA ARG B 254 4.96 -15.96 46.91
C ARG B 254 5.76 -14.99 47.79
N VAL B 255 6.97 -14.64 47.37
CA VAL B 255 7.88 -13.89 48.22
C VAL B 255 7.93 -12.41 47.82
N LEU B 256 7.53 -12.13 46.59
CA LEU B 256 7.62 -10.76 46.08
C LEU B 256 6.31 -9.99 46.28
N HIS B 257 6.44 -8.69 46.50
CA HIS B 257 5.27 -7.82 46.62
C HIS B 257 5.06 -7.10 45.29
N SER B 258 3.88 -7.32 44.71
CA SER B 258 3.50 -6.68 43.45
C SER B 258 4.67 -6.60 42.48
N PRO B 259 5.23 -7.75 42.12
CA PRO B 259 6.44 -7.73 41.28
C PRO B 259 6.18 -7.26 39.87
N ILE B 260 7.23 -6.74 39.24
CA ILE B 260 7.24 -6.45 37.82
C ILE B 260 8.15 -7.51 37.18
N SER B 261 7.65 -8.18 36.16
CA SER B 261 8.51 -9.10 35.44
C SER B 261 8.93 -8.47 34.13
N ILE B 262 10.19 -8.65 33.78
CA ILE B 262 10.75 -8.08 32.58
C ILE B 262 11.41 -9.22 31.84
N THR B 263 10.94 -9.54 30.64
CA THR B 263 11.54 -10.63 29.91
C THR B 263 12.18 -10.13 28.62
N ILE B 264 13.44 -10.44 28.42
CA ILE B 264 14.13 -10.00 27.22
C ILE B 264 14.09 -11.07 26.14
N ASN B 265 13.57 -10.69 24.97
CA ASN B 265 13.57 -11.54 23.77
C ASN B 265 13.24 -13.00 24.08
N SER B 266 12.17 -13.20 24.85
CA SER B 266 11.80 -14.56 25.27
C SER B 266 11.60 -15.48 24.09
N GLY B 268 10.98 -14.27 19.94
CA GLY B 268 10.95 -13.66 18.63
C GLY B 268 9.77 -12.73 18.45
N MET B 269 10.02 -11.51 17.99
CA MET B 269 8.92 -10.59 17.77
C MET B 269 8.04 -11.02 16.60
N VAL B 270 8.62 -11.70 15.62
CA VAL B 270 7.81 -12.25 14.53
C VAL B 270 7.62 -13.76 14.71
N ASN B 271 6.38 -14.23 14.56
CA ASN B 271 6.10 -15.66 14.71
C ASN B 271 7.12 -16.49 13.95
N GLU B 272 7.70 -17.48 14.64
CA GLU B 272 8.77 -18.30 14.09
C GLU B 272 8.37 -19.00 12.79
N ASN B 273 7.08 -19.31 12.66
CA ASN B 273 6.57 -20.05 11.51
C ASN B 273 6.42 -19.19 10.25
N VAL B 274 6.71 -17.91 10.37
CA VAL B 274 6.72 -17.01 9.23
C VAL B 274 8.09 -16.99 8.56
N LYS B 275 8.16 -17.26 7.26
CA LYS B 275 9.45 -17.12 6.61
C LYS B 275 9.65 -15.71 6.04
N GLN B 276 10.71 -15.07 6.49
CA GLN B 276 10.99 -13.70 6.09
C GLN B 276 12.08 -13.69 5.04
N LYS B 277 11.89 -12.88 4.01
CA LYS B 277 12.88 -12.77 2.94
C LYS B 277 13.07 -11.31 2.63
N PHE B 278 14.10 -10.99 1.86
CA PHE B 278 14.24 -9.64 1.32
C PHE B 278 15.09 -9.72 0.05
N ARG B 279 14.91 -8.73 -0.82
CA ARG B 279 15.74 -8.53 -2.00
CA ARG B 279 15.77 -8.56 -1.96
C ARG B 279 16.24 -7.11 -2.00
N ILE B 280 17.53 -6.92 -2.21
CA ILE B 280 18.07 -5.56 -2.30
C ILE B 280 18.05 -5.09 -3.75
N CYS B 281 17.41 -3.94 -3.97
CA CYS B 281 17.21 -3.39 -5.30
C CYS B 281 17.84 -2.00 -5.36
N HIS B 282 18.39 -1.63 -6.52
CA HIS B 282 19.12 -0.37 -6.63
C HIS B 282 18.31 0.82 -7.17
N SER B 283 17.05 0.57 -7.56
CA SER B 283 16.18 1.60 -8.14
C SER B 283 14.70 1.30 -7.92
N GLU B 284 13.85 2.31 -8.12
CA GLU B 284 12.40 2.14 -8.04
C GLU B 284 11.91 1.25 -9.17
N ASP B 285 12.64 1.24 -10.28
CA ASP B 285 12.29 0.40 -11.42
C ASP B 285 12.53 -1.07 -11.09
N GLU B 286 13.71 -1.35 -10.52
CA GLU B 286 14.05 -2.70 -10.16
C GLU B 286 13.05 -3.26 -9.14
N LYS B 287 12.72 -2.45 -8.14
CA LYS B 287 11.68 -2.84 -7.19
C LYS B 287 10.37 -3.14 -7.92
N PHE B 288 10.01 -2.30 -8.90
CA PHE B 288 8.75 -2.53 -9.59
C PHE B 288 8.77 -3.83 -10.37
N ASP B 289 9.91 -4.13 -10.99
CA ASP B 289 10.06 -5.38 -11.71
C ASP B 289 9.89 -6.55 -10.78
N ASN B 290 10.49 -6.46 -9.60
CA ASN B 290 10.39 -7.56 -8.64
C ASN B 290 8.96 -7.73 -8.18
N LEU B 291 8.29 -6.62 -7.88
CA LEU B 291 6.91 -6.69 -7.43
C LEU B 291 6.08 -7.49 -8.44
N VAL B 292 6.21 -7.15 -9.72
CA VAL B 292 5.49 -7.84 -10.80
C VAL B 292 5.78 -9.34 -10.86
N GLN B 293 7.05 -9.71 -10.81
CA GLN B 293 7.38 -11.13 -10.89
C GLN B 293 6.84 -11.93 -9.69
N LEU B 294 7.00 -11.38 -8.48
CA LEU B 294 6.52 -12.05 -7.28
C LEU B 294 5.02 -12.29 -7.36
N ILE B 295 4.31 -11.30 -7.90
CA ILE B 295 2.88 -11.42 -8.08
C ILE B 295 2.56 -12.44 -9.16
N HIS B 296 3.24 -12.36 -10.29
CA HIS B 296 3.00 -13.27 -11.40
C HIS B 296 3.13 -14.73 -10.97
N GLU B 297 4.04 -15.01 -10.04
CA GLU B 297 4.35 -16.38 -9.65
C GLU B 297 3.85 -16.74 -8.24
N ARG B 298 2.66 -16.23 -7.90
CA ARG B 298 2.19 -16.21 -6.51
C ARG B 298 1.47 -17.47 -5.99
N SER B 299 1.11 -18.39 -6.88
CA SER B 299 0.41 -19.62 -6.49
C SER B 299 1.34 -20.67 -5.85
N GLU B 300 2.57 -20.26 -5.54
CA GLU B 300 3.48 -21.15 -4.84
C GLU B 300 4.40 -20.36 -3.91
N VAL B 319 -7.59 -23.78 -4.18
CA VAL B 319 -6.44 -22.90 -4.28
C VAL B 319 -6.86 -21.43 -4.21
N ASP B 320 -6.26 -20.72 -3.26
CA ASP B 320 -6.61 -19.33 -3.00
C ASP B 320 -5.35 -18.60 -2.54
N ALA B 321 -4.52 -18.21 -3.51
CA ALA B 321 -3.23 -17.59 -3.22
C ALA B 321 -3.35 -16.08 -3.21
N LYS B 322 -3.66 -15.51 -2.05
CA LYS B 322 -3.81 -14.07 -1.91
C LYS B 322 -2.47 -13.36 -1.70
N ALA B 323 -2.45 -12.06 -1.94
CA ALA B 323 -1.25 -11.26 -1.80
C ALA B 323 -1.58 -9.90 -1.19
N ILE B 324 -0.76 -9.47 -0.26
CA ILE B 324 -0.88 -8.11 0.26
C ILE B 324 0.41 -7.36 0.00
N ILE B 325 0.29 -6.20 -0.63
CA ILE B 325 1.43 -5.35 -0.90
C ILE B 325 1.32 -4.15 0.03
N PHE B 326 2.32 -3.94 0.87
CA PHE B 326 2.33 -2.75 1.72
C PHE B 326 3.22 -1.67 1.14
N VAL B 327 2.67 -0.45 1.10
CA VAL B 327 3.36 0.73 0.60
C VAL B 327 3.39 1.81 1.70
N SER B 328 4.19 2.86 1.52
CA SER B 328 4.43 3.79 2.61
C SER B 328 3.63 5.10 2.59
N SER B 329 2.86 5.35 1.53
CA SER B 329 2.07 6.59 1.42
C SER B 329 0.87 6.40 0.51
N GLN B 330 -0.09 7.31 0.63
CA GLN B 330 -1.27 7.29 -0.23
C GLN B 330 -0.90 7.52 -1.69
N ASN B 331 0.02 8.47 -1.93
CA ASN B 331 0.50 8.75 -3.28
C ASN B 331 1.16 7.54 -3.94
N ILE B 332 1.96 6.80 -3.16
CA ILE B 332 2.58 5.58 -3.68
C ILE B 332 1.54 4.51 -3.99
N CYS B 333 0.56 4.40 -3.10
CA CYS B 333 -0.55 3.49 -3.31
C CYS B 333 -1.25 3.71 -4.68
N ASP B 334 -1.76 4.92 -4.93
CA ASP B 334 -2.42 5.26 -6.20
C ASP B 334 -1.48 5.05 -7.39
N PHE B 335 -0.25 5.53 -7.24
CA PHE B 335 0.75 5.37 -8.29
C PHE B 335 0.96 3.90 -8.62
N ILE B 336 1.28 3.11 -7.60
CA ILE B 336 1.51 1.68 -7.83
C ILE B 336 0.26 0.99 -8.36
N SER B 337 -0.92 1.44 -7.95
CA SER B 337 -2.16 0.84 -8.42
C SER B 337 -2.34 0.94 -9.95
N LYS B 338 -2.00 2.11 -10.50
CA LYS B 338 -2.13 2.32 -11.93
C LYS B 338 -1.05 1.54 -12.66
N LYS B 339 0.19 1.67 -12.20
CA LYS B 339 1.30 0.93 -12.77
C LYS B 339 0.95 -0.55 -12.93
N LEU B 340 0.46 -1.16 -11.84
CA LEU B 340 0.14 -2.58 -11.86
C LEU B 340 -0.95 -2.91 -12.89
N LEU B 341 -2.00 -2.10 -12.90
CA LEU B 341 -3.09 -2.20 -13.85
C LEU B 341 -2.61 -2.11 -15.30
N ASN B 342 -1.84 -1.05 -15.60
CA ASN B 342 -1.23 -0.90 -16.92
C ASN B 342 -0.52 -2.18 -17.37
N ALA B 343 0.02 -2.92 -16.42
CA ALA B 343 0.75 -4.16 -16.70
C ALA B 343 -0.16 -5.37 -16.62
N GLY B 344 -1.47 -5.11 -16.66
CA GLY B 344 -2.46 -6.16 -16.69
C GLY B 344 -2.77 -6.74 -15.33
N ILE B 345 -2.49 -5.96 -14.29
CA ILE B 345 -2.64 -6.44 -12.93
C ILE B 345 -3.70 -5.66 -12.16
N VAL B 346 -4.73 -6.38 -11.71
CA VAL B 346 -5.87 -5.78 -11.03
C VAL B 346 -5.79 -5.93 -9.51
N THR B 347 -5.90 -4.80 -8.78
CA THR B 347 -5.76 -4.82 -7.32
C THR B 347 -6.90 -4.13 -6.58
N CYS B 348 -7.19 -4.63 -5.38
CA CYS B 348 -7.96 -3.87 -4.40
C CYS B 348 -6.98 -2.94 -3.65
N ALA B 349 -7.37 -1.69 -3.42
CA ALA B 349 -6.49 -0.73 -2.75
C ALA B 349 -7.16 -0.09 -1.54
N ILE B 350 -6.37 0.14 -0.49
CA ILE B 350 -6.88 0.76 0.72
C ILE B 350 -5.86 1.73 1.27
N HIS B 351 -6.30 2.94 1.57
CA HIS B 351 -5.49 3.88 2.32
C HIS B 351 -6.41 4.91 2.97
N ALA B 352 -5.85 5.79 3.80
CA ALA B 352 -6.68 6.68 4.64
C ALA B 352 -7.32 7.83 3.87
N GLY B 353 -6.94 8.00 2.62
CA GLY B 353 -7.52 9.04 1.79
C GLY B 353 -8.86 8.62 1.20
N LYS B 354 -9.17 7.32 1.30
CA LYS B 354 -10.43 6.81 0.78
C LYS B 354 -11.48 6.78 1.86
N PRO B 355 -12.74 7.09 1.51
CA PRO B 355 -13.84 7.00 2.46
C PRO B 355 -13.93 5.60 3.03
N TYR B 356 -14.39 5.48 4.28
CA TYR B 356 -14.39 4.17 4.92
C TYR B 356 -15.25 3.15 4.14
N GLN B 357 -16.35 3.62 3.55
CA GLN B 357 -17.21 2.72 2.77
C GLN B 357 -16.51 2.18 1.53
N GLU B 358 -15.63 2.99 0.95
CA GLU B 358 -14.83 2.53 -0.17
C GLU B 358 -13.83 1.51 0.34
N ARG B 359 -13.19 1.81 1.47
CA ARG B 359 -12.25 0.86 2.07
C ARG B 359 -12.95 -0.47 2.37
N LEU B 360 -14.19 -0.41 2.84
CA LEU B 360 -14.96 -1.61 3.14
C LEU B 360 -15.28 -2.40 1.87
N MET B 361 -15.65 -1.70 0.81
CA MET B 361 -15.91 -2.34 -0.49
C MET B 361 -14.68 -3.13 -0.90
N ASN B 362 -13.53 -2.46 -0.90
CA ASN B 362 -12.27 -3.06 -1.28
C ASN B 362 -11.85 -4.29 -0.44
N LEU B 363 -12.00 -4.19 0.88
CA LEU B 363 -11.71 -5.34 1.74
C LEU B 363 -12.64 -6.48 1.42
N GLU B 364 -13.91 -6.17 1.28
CA GLU B 364 -14.89 -7.19 0.97
C GLU B 364 -14.52 -7.93 -0.32
N LYS B 365 -14.17 -7.19 -1.37
CA LYS B 365 -13.72 -7.81 -2.61
C LYS B 365 -12.50 -8.65 -2.35
N PHE B 366 -11.55 -8.10 -1.60
CA PHE B 366 -10.32 -8.81 -1.33
C PHE B 366 -10.61 -10.17 -0.70
N LYS B 367 -11.48 -10.19 0.31
CA LYS B 367 -11.71 -11.46 1.01
C LYS B 367 -12.54 -12.47 0.20
N ARG B 368 -13.41 -11.98 -0.69
CA ARG B 368 -14.25 -12.85 -1.50
C ARG B 368 -13.55 -13.51 -2.68
N GLU B 369 -12.65 -12.78 -3.35
CA GLU B 369 -12.17 -13.18 -4.67
C GLU B 369 -10.92 -14.02 -4.60
N LYS B 370 -10.93 -15.16 -5.29
CA LYS B 370 -9.80 -16.07 -5.30
C LYS B 370 -8.54 -15.38 -5.81
N ASN B 371 -7.41 -15.64 -5.16
CA ASN B 371 -6.12 -15.13 -5.61
C ASN B 371 -6.14 -13.62 -5.73
N SER B 372 -6.93 -12.96 -4.88
CA SER B 372 -7.05 -11.50 -4.91
C SER B 372 -5.79 -10.83 -4.36
N ILE B 373 -5.63 -9.54 -4.67
CA ILE B 373 -4.41 -8.83 -4.32
C ILE B 373 -4.73 -7.52 -3.64
N LEU B 374 -4.27 -7.34 -2.40
CA LEU B 374 -4.55 -6.11 -1.67
C LEU B 374 -3.37 -5.12 -1.64
N LEU B 375 -3.66 -3.88 -1.97
CA LEU B 375 -2.70 -2.79 -1.88
C LEU B 375 -3.05 -1.95 -0.63
N CYS B 376 -2.13 -1.84 0.32
CA CYS B 376 -2.47 -1.22 1.60
C CYS B 376 -1.33 -0.39 2.20
N THR B 377 -1.66 0.79 2.71
CA THR B 377 -0.67 1.66 3.34
C THR B 377 -0.23 1.10 4.68
N GLU B 378 0.98 1.47 5.08
CA GLU B 378 1.59 0.88 6.25
C GLU B 378 0.91 1.35 7.52
N VAL B 379 0.40 2.57 7.51
CA VAL B 379 -0.32 3.07 8.66
C VAL B 379 -1.63 2.31 8.93
N LEU B 380 -2.21 1.70 7.88
CA LEU B 380 -3.46 0.95 8.08
C LEU B 380 -3.23 -0.52 8.38
N SER B 381 -1.96 -0.92 8.49
CA SER B 381 -1.62 -2.32 8.73
C SER B 381 -2.05 -2.81 10.11
N ARG B 382 -1.86 -2.00 11.15
CA ARG B 382 -2.26 -2.47 12.48
C ARG B 382 -3.78 -2.46 12.55
N GLY B 383 -4.35 -3.60 12.91
CA GLY B 383 -5.79 -3.72 12.99
C GLY B 383 -6.44 -4.08 11.67
N LEU B 384 -5.64 -4.18 10.61
CA LEU B 384 -6.14 -4.57 9.29
C LEU B 384 -6.92 -5.88 9.39
N ASN B 385 -8.20 -5.86 9.04
CA ASN B 385 -9.01 -7.07 9.15
C ASN B 385 -9.08 -7.90 7.87
N VAL B 386 -8.02 -8.65 7.63
CA VAL B 386 -7.97 -9.59 6.53
C VAL B 386 -7.44 -10.89 7.07
N PRO B 387 -7.72 -12.01 6.38
CA PRO B 387 -7.14 -13.29 6.79
C PRO B 387 -5.64 -13.32 6.48
N GLU B 388 -4.97 -14.37 6.95
CA GLU B 388 -3.56 -14.53 6.66
C GLU B 388 -3.45 -14.98 5.20
N VAL B 389 -2.46 -14.45 4.50
CA VAL B 389 -2.31 -14.73 3.08
C VAL B 389 -1.00 -15.41 2.79
N SER B 390 -0.84 -15.86 1.55
CA SER B 390 0.32 -16.68 1.21
C SER B 390 1.54 -15.81 0.96
N LEU B 391 1.31 -14.59 0.51
CA LEU B 391 2.41 -13.71 0.15
C LEU B 391 2.15 -12.28 0.63
N VAL B 392 3.01 -11.81 1.53
CA VAL B 392 3.03 -10.42 1.92
C VAL B 392 4.29 -9.78 1.32
N ILE B 393 4.10 -8.74 0.53
CA ILE B 393 5.22 -8.01 -0.06
C ILE B 393 5.27 -6.61 0.53
N ILE B 394 6.36 -6.29 1.21
CA ILE B 394 6.55 -4.94 1.70
C ILE B 394 7.32 -4.20 0.62
N TYR B 395 6.61 -3.34 -0.13
CA TYR B 395 7.17 -2.66 -1.28
C TYR B 395 8.02 -1.48 -0.86
N ASN B 396 7.67 -0.89 0.28
CA ASN B 396 8.47 0.17 0.89
C ASN B 396 8.89 -0.37 2.24
N ALA B 397 10.19 -0.58 2.40
CA ALA B 397 10.70 -1.18 3.62
C ALA B 397 10.28 -0.34 4.84
N VAL B 398 9.65 -0.97 5.83
CA VAL B 398 9.16 -0.25 7.02
C VAL B 398 10.34 0.20 7.89
N LYS B 399 10.11 1.24 8.67
CA LYS B 399 11.18 1.81 9.49
C LYS B 399 10.89 1.67 10.97
N THR B 400 9.83 0.94 11.32
CA THR B 400 9.60 0.64 12.73
C THR B 400 9.31 -0.84 12.92
N PHE B 401 9.61 -1.32 14.12
CA PHE B 401 9.40 -2.73 14.43
C PHE B 401 7.93 -3.04 14.53
N ALA B 402 7.18 -2.11 15.09
CA ALA B 402 5.75 -2.34 15.23
C ALA B 402 5.10 -2.49 13.86
N GLN B 403 5.50 -1.65 12.89
CA GLN B 403 5.02 -1.80 11.51
C GLN B 403 5.39 -3.16 10.93
N TYR B 404 6.64 -3.57 11.13
CA TYR B 404 7.12 -4.87 10.63
C TYR B 404 6.32 -6.06 11.17
N VAL B 405 6.05 -6.04 12.47
CA VAL B 405 5.28 -7.09 13.12
C VAL B 405 3.88 -7.17 12.51
N HIS B 406 3.22 -6.03 12.34
CA HIS B 406 1.84 -6.08 11.86
C HIS B 406 1.69 -6.33 10.36
N THR B 407 2.70 -5.98 9.56
CA THR B 407 2.69 -6.37 8.15
C THR B 407 2.97 -7.86 7.96
N THR B 408 4.12 -8.32 8.45
CA THR B 408 4.51 -9.71 8.33
C THR B 408 3.53 -10.63 9.07
N GLY B 409 2.83 -10.06 10.04
CA GLY B 409 1.82 -10.80 10.79
C GLY B 409 0.70 -11.35 9.95
N ARG B 410 0.53 -10.80 8.74
CA ARG B 410 -0.51 -11.25 7.83
C ARG B 410 -0.13 -12.52 7.02
N THR B 411 1.06 -13.07 7.27
CA THR B 411 1.38 -14.43 6.83
C THR B 411 1.32 -15.44 7.97
N ALA B 412 1.22 -14.93 9.20
CA ALA B 412 1.31 -15.78 10.39
C ALA B 412 0.14 -16.78 10.54
N ARG B 416 1.36 -23.43 9.23
CA ARG B 416 0.91 -23.20 7.86
C ARG B 416 1.13 -21.75 7.45
N SER B 417 2.08 -21.08 8.09
CA SER B 417 2.37 -19.68 7.81
C SER B 417 3.09 -19.49 6.45
N GLY B 418 2.94 -18.31 5.85
CA GLY B 418 3.42 -18.08 4.47
C GLY B 418 4.75 -17.36 4.29
N THR B 419 4.88 -16.61 3.20
CA THR B 419 6.11 -15.84 2.92
C THR B 419 5.93 -14.30 2.95
N ALA B 420 6.80 -13.63 3.69
CA ALA B 420 6.82 -12.17 3.75
C ALA B 420 8.12 -11.68 3.16
N ILE B 421 8.05 -10.80 2.18
CA ILE B 421 9.27 -10.37 1.52
C ILE B 421 9.36 -8.86 1.40
N THR B 422 10.51 -8.32 1.78
CA THR B 422 10.73 -6.88 1.73
C THR B 422 11.59 -6.53 0.53
N LEU B 423 11.14 -5.55 -0.24
CA LEU B 423 11.94 -5.00 -1.32
C LEU B 423 12.70 -3.81 -0.75
N LEU B 424 14.00 -4.00 -0.59
CA LEU B 424 14.82 -3.05 0.15
C LEU B 424 15.75 -2.32 -0.80
N LEU B 425 15.74 -0.99 -0.75
CA LEU B 425 16.68 -0.19 -1.50
C LEU B 425 18.05 -0.23 -0.81
N HIS B 426 19.11 -0.13 -1.60
CA HIS B 426 20.46 -0.28 -1.08
C HIS B 426 20.91 0.88 -0.21
N ASP B 427 20.11 1.93 -0.13
CA ASP B 427 20.42 3.05 0.76
C ASP B 427 19.41 3.20 1.89
N GLU B 428 18.50 2.24 2.01
CA GLU B 428 17.55 2.24 3.10
C GLU B 428 18.16 1.57 4.34
N LEU B 429 19.03 2.30 5.01
CA LEU B 429 19.75 1.79 6.16
C LEU B 429 18.83 1.35 7.30
N SER B 430 17.86 2.19 7.66
CA SER B 430 16.99 1.86 8.78
C SER B 430 16.12 0.67 8.42
N GLY B 431 15.83 0.53 7.14
CA GLY B 431 15.13 -0.64 6.64
C GLY B 431 15.94 -1.91 6.85
N ALA B 432 17.23 -1.85 6.56
CA ALA B 432 18.12 -3.00 6.76
C ALA B 432 18.22 -3.33 8.23
N TYR B 433 18.27 -2.29 9.04
CA TYR B 433 18.36 -2.46 10.46
C TYR B 433 17.18 -3.25 11.07
N ILE B 434 15.95 -2.87 10.73
CA ILE B 434 14.79 -3.61 11.20
C ILE B 434 14.94 -5.09 10.84
N LEU B 435 15.20 -5.33 9.55
CA LEU B 435 15.34 -6.68 9.03
C LEU B 435 16.38 -7.49 9.81
N SER B 436 17.57 -6.91 9.97
CA SER B 436 18.65 -7.58 10.67
C SER B 436 18.23 -7.99 12.09
N LYS B 437 17.29 -7.27 12.70
CA LYS B 437 16.91 -7.64 14.06
C LYS B 437 15.61 -8.44 14.19
N ALA B 438 14.71 -8.31 13.22
CA ALA B 438 13.47 -9.09 13.27
C ALA B 438 13.61 -10.48 12.64
N MET B 439 14.46 -10.61 11.63
CA MET B 439 14.66 -11.93 11.01
C MET B 439 15.29 -12.91 11.97
N ARG B 440 14.91 -14.18 11.83
CA ARG B 440 15.51 -15.27 12.62
C ARG B 440 16.96 -15.49 12.19
N ASP B 441 17.83 -15.73 13.17
CA ASP B 441 19.24 -15.98 12.88
C ASP B 441 19.35 -17.12 11.89
N GLU B 442 18.58 -18.19 12.14
CA GLU B 442 18.50 -19.30 11.20
C GLU B 442 18.19 -18.80 9.79
N GLU B 443 17.25 -17.85 9.69
CA GLU B 443 16.90 -17.27 8.40
C GLU B 443 18.08 -16.44 7.91
N ILE B 444 18.88 -15.95 8.87
CA ILE B 444 20.03 -15.10 8.58
C ILE B 444 21.25 -15.92 8.13
N LYS B 445 21.40 -17.12 8.68
CA LYS B 445 22.48 -18.02 8.29
C LYS B 445 22.17 -18.73 6.97
N ALA B 446 20.91 -18.67 6.54
CA ALA B 446 20.51 -19.31 5.29
C ALA B 446 20.74 -18.36 4.14
N LEU B 447 21.13 -17.13 4.49
CA LEU B 447 21.18 -16.04 3.53
C LEU B 447 22.35 -16.17 2.55
N ASP B 448 22.04 -15.96 1.28
CA ASP B 448 23.03 -15.86 0.23
C ASP B 448 24.11 -14.89 0.68
N PRO B 449 25.37 -15.28 0.55
CA PRO B 449 26.48 -14.49 1.11
C PRO B 449 26.46 -13.01 0.72
N LEU B 450 26.15 -12.71 -0.55
CA LEU B 450 26.12 -11.32 -1.02
C LEU B 450 25.02 -10.53 -0.33
N GLN B 451 23.89 -11.19 -0.09
CA GLN B 451 22.80 -10.61 0.68
C GLN B 451 23.20 -10.33 2.12
N ALA B 452 23.57 -11.39 2.83
CA ALA B 452 23.96 -11.27 4.22
C ALA B 452 25.02 -10.18 4.41
N LYS B 453 25.94 -10.08 3.45
CA LYS B 453 27.05 -9.15 3.56
C LYS B 453 26.55 -7.71 3.49
N GLU B 454 25.79 -7.38 2.45
CA GLU B 454 25.24 -6.04 2.32
C GLU B 454 24.34 -5.69 3.50
N LEU B 455 23.43 -6.60 3.85
CA LEU B 455 22.51 -6.38 4.96
C LEU B 455 23.23 -6.00 6.25
N GLN B 456 24.29 -6.73 6.62
CA GLN B 456 25.05 -6.39 7.83
C GLN B 456 25.69 -5.01 7.68
N GLU B 457 26.31 -4.78 6.54
CA GLU B 457 26.94 -3.49 6.27
C GLU B 457 25.94 -2.37 6.51
N MET B 458 24.86 -2.36 5.72
CA MET B 458 23.84 -1.32 5.82
C MET B 458 23.35 -1.13 7.24
N SER B 459 23.08 -2.24 7.92
CA SER B 459 22.60 -2.21 9.29
C SER B 459 23.66 -1.61 10.22
N ALA B 460 24.92 -2.02 10.01
CA ALA B 460 26.01 -1.47 10.80
C ALA B 460 26.08 0.04 10.60
N LYS B 461 26.02 0.48 9.35
CA LYS B 461 26.10 1.89 9.07
C LYS B 461 25.02 2.65 9.84
N PHE B 462 23.83 2.06 9.92
CA PHE B 462 22.73 2.71 10.64
C PHE B 462 22.97 2.69 12.15
N GLU B 463 23.42 1.56 12.69
CA GLU B 463 23.75 1.47 14.11
C GLU B 463 24.80 2.50 14.50
N SER B 464 25.92 2.51 13.76
CA SER B 464 27.01 3.45 14.04
C SER B 464 26.56 4.90 13.86
N GLY B 465 25.65 5.12 12.91
CA GLY B 465 25.11 6.45 12.66
C GLY B 465 24.34 6.96 13.86
N MET B 466 23.77 6.02 14.62
CA MET B 466 23.06 6.37 15.85
C MET B 466 23.88 6.01 17.09
NI NI C . 7.19 29.06 -15.40
#